data_5WZN
#
_entry.id   5WZN
#
_cell.length_a   65.636
_cell.length_b   127.620
_cell.length_c   176.817
_cell.angle_alpha   90.00
_cell.angle_beta   90.00
_cell.angle_gamma   90.00
#
_symmetry.space_group_name_H-M   'P 21 21 21'
#
loop_
_entity.id
_entity.type
_entity.pdbx_description
1 polymer Alpha-N-acetylgalactosaminidase
2 non-polymer 'ZINC ION'
3 non-polymer 2-acetamido-2-deoxy-alpha-D-galactopyranose
4 non-polymer 'CALCIUM ION'
5 water water
#
_entity_poly.entity_id   1
_entity_poly.type   'polypeptide(L)'
_entity_poly.pdbx_seq_one_letter_code
;MMQFTMSGTMLRFDETTLRFSFSRDGATWSGCDGIEPQLTREDRSFSFAGAATVTHERIETGTGVGVRSVFAGFAGADYA
FETYIWIERSSGDVLCEWVPLRECGAEPRIDRVLWPAPLSFDRADAHDVTLITHEQGVMIPNSWPTEVGTDAVSFGGRFE
TAGGYMPWFAQLRSDGHAYIAICETPWNAGYDIDHPAGGPYTHVGMWFEPSLGRMDYRRVVRYRLLDHADHTAICKTYRA
YVNERGRLRTLAEKAARNPSVRDLLGRSWVHVGIKTNVQPDSSFYDPAQPGKNDSLVTFAQRERQMRTLHEMGAGRLYLH
LDGWAQPGYDNGHPDYLPACREAGGWKGMKSLIDACHEQGDLFGTHDQYRDYYFAARTFDPRNAIRLADGTMPEHAMWAG
GRQTYLCAELAPDYVRRNFSEIATHGIVLDCAYLDVFTCNEGDECSHPEHRMTRRECYERRAECFEYLLAHGILTSSEEV
SDWAVPSLVFCHYAPYDFQMRSPDAPRHGIPVPLYNLVYHDCVIQPWMMDRVAGGDDYMLYALLNGGAPYLIRDAAYAGM
DGDMNAALRARTENDIERCAVVAGLHRRVGMQELVRHDLVGGDPLVQRSVFADGTAVTCDFHAQTYEVAANGSHHHHHHH
;
_entity_poly.pdbx_strand_id   A,B
#
loop_
_chem_comp.id
_chem_comp.type
_chem_comp.name
_chem_comp.formula
A2G D-saccharide, alpha linking 2-acetamido-2-deoxy-alpha-D-galactopyranose 'C8 H15 N O6'
CA non-polymer 'CALCIUM ION' 'Ca 2'
ZN non-polymer 'ZINC ION' 'Zn 2'
#
# COMPACT_ATOMS: atom_id res chain seq x y z
N MET A 1 -1.27 8.54 40.47
CA MET A 1 -1.77 9.92 40.75
C MET A 1 -2.96 10.35 39.87
N MET A 2 -2.78 10.45 38.54
CA MET A 2 -3.93 10.41 37.57
C MET A 2 -4.29 8.96 37.34
N GLN A 3 -5.55 8.62 37.50
CA GLN A 3 -5.98 7.25 37.31
C GLN A 3 -7.14 7.21 36.32
N PHE A 4 -7.13 6.21 35.44
CA PHE A 4 -8.20 6.04 34.47
C PHE A 4 -8.59 4.60 34.50
N THR A 5 -9.89 4.37 34.27
CA THR A 5 -10.47 3.04 34.26
C THR A 5 -11.49 3.02 33.10
N MET A 6 -11.33 2.06 32.20
CA MET A 6 -12.07 2.01 30.92
C MET A 6 -11.91 0.63 30.29
N SER A 7 -13.02 -0.03 30.05
CA SER A 7 -13.09 -1.26 29.26
C SER A 7 -12.27 -2.46 29.76
N GLY A 8 -12.11 -2.55 31.09
CA GLY A 8 -11.40 -3.66 31.72
C GLY A 8 -9.95 -3.32 32.00
N THR A 9 -9.56 -2.05 31.82
CA THR A 9 -8.15 -1.63 31.78
C THR A 9 -7.98 -0.45 32.70
N MET A 10 -6.87 -0.38 33.43
CA MET A 10 -6.67 0.80 34.20
C MET A 10 -5.29 1.35 33.93
N LEU A 11 -5.22 2.66 33.86
CA LEU A 11 -4.01 3.33 33.57
C LEU A 11 -3.77 4.27 34.70
N ARG A 12 -2.56 4.26 35.24
CA ARG A 12 -2.18 5.14 36.30
C ARG A 12 -0.96 5.95 35.85
N PHE A 13 -1.00 7.25 36.06
CA PHE A 13 0.08 8.08 35.63
C PHE A 13 0.48 9.12 36.68
N ASP A 14 1.77 9.16 37.03
CA ASP A 14 2.28 10.09 38.01
C ASP A 14 2.95 11.31 37.39
N GLU A 15 2.41 12.49 37.70
CA GLU A 15 2.78 13.77 37.06
C GLU A 15 4.18 14.28 37.39
N THR A 16 4.77 13.76 38.46
CA THR A 16 6.10 14.20 38.88
C THR A 16 7.12 13.23 38.32
N THR A 17 6.89 11.93 38.57
CA THR A 17 7.81 10.90 38.11
C THR A 17 7.74 10.61 36.60
N LEU A 18 6.60 10.96 35.98
CA LEU A 18 6.23 10.56 34.60
C LEU A 18 6.15 9.07 34.44
N ARG A 19 6.16 8.34 35.54
CA ARG A 19 6.02 6.89 35.48
C ARG A 19 4.55 6.55 35.27
N PHE A 20 4.30 5.52 34.49
CA PHE A 20 2.97 5.01 34.39
C PHE A 20 2.88 3.53 34.69
N SER A 21 1.63 3.05 34.85
CA SER A 21 1.37 1.64 34.87
C SER A 21 -0.01 1.33 34.28
N PHE A 22 -0.21 0.09 33.83
CA PHE A 22 -1.55 -0.31 33.46
C PHE A 22 -1.89 -1.75 33.83
N SER A 23 -3.20 -1.97 34.03
CA SER A 23 -3.67 -3.25 34.57
C SER A 23 -4.84 -3.73 33.80
N ARG A 24 -5.02 -5.04 33.81
CA ARG A 24 -6.17 -5.65 33.18
C ARG A 24 -6.17 -7.11 33.59
N ASP A 25 -7.35 -7.68 33.79
CA ASP A 25 -7.46 -9.05 34.38
C ASP A 25 -6.66 -9.21 35.71
N GLY A 26 -6.59 -8.14 36.50
CA GLY A 26 -5.84 -8.18 37.74
C GLY A 26 -4.32 -8.18 37.71
N ALA A 27 -3.70 -8.16 36.53
CA ALA A 27 -2.22 -8.03 36.42
C ALA A 27 -1.86 -6.56 36.20
N THR A 28 -0.84 -6.08 36.91
CA THR A 28 -0.33 -4.72 36.80
C THR A 28 1.08 -4.72 36.22
N TRP A 29 1.34 -3.79 35.30
CA TRP A 29 2.69 -3.59 34.75
C TRP A 29 3.10 -2.15 34.95
N SER A 30 4.31 -1.89 35.41
CA SER A 30 4.74 -0.50 35.55
C SER A 30 6.07 -0.24 34.89
N GLY A 31 6.26 1.03 34.48
CA GLY A 31 7.57 1.53 34.11
C GLY A 31 8.63 1.09 35.13
N CYS A 32 9.85 0.82 34.66
CA CYS A 32 10.96 0.49 35.54
C CYS A 32 11.31 1.64 36.42
N ASP A 33 11.52 1.34 37.70
CA ASP A 33 12.09 2.34 38.58
C ASP A 33 13.47 2.71 38.10
N GLY A 34 13.74 4.02 38.18
CA GLY A 34 15.05 4.53 37.81
C GLY A 34 15.34 4.61 36.33
N ILE A 35 14.34 4.28 35.50
CA ILE A 35 14.47 4.40 34.02
C ILE A 35 13.43 5.37 33.49
N GLU A 36 13.89 6.55 33.17
CA GLU A 36 13.05 7.58 32.69
C GLU A 36 13.13 7.74 31.16
N PRO A 37 12.03 8.16 30.53
CA PRO A 37 12.02 8.39 29.08
C PRO A 37 13.01 9.49 28.75
N GLN A 38 13.77 9.28 27.67
CA GLN A 38 14.88 10.20 27.28
C GLN A 38 14.87 10.83 25.88
N LEU A 39 15.33 12.07 25.80
CA LEU A 39 15.85 12.61 24.52
C LEU A 39 17.32 12.53 24.52
N THR A 40 17.90 12.01 23.45
CA THR A 40 19.34 12.02 23.25
C THR A 40 19.68 12.98 22.15
N ARG A 41 20.77 13.72 22.36
CA ARG A 41 21.25 14.68 21.38
C ARG A 41 22.69 14.40 21.14
N GLU A 42 23.23 15.00 20.09
CA GLU A 42 24.67 14.94 19.84
C GLU A 42 25.42 15.31 21.14
N ASP A 43 24.95 16.39 21.83
CA ASP A 43 25.56 16.91 23.12
C ASP A 43 25.22 16.20 24.49
N ARG A 44 24.05 15.55 24.66
CA ARG A 44 23.74 14.86 25.94
C ARG A 44 22.35 14.24 25.96
N SER A 45 22.10 13.34 26.91
CA SER A 45 20.74 12.85 27.18
C SER A 45 19.99 13.63 28.25
N PHE A 46 18.70 13.87 28.01
CA PHE A 46 17.81 14.46 28.95
C PHE A 46 16.67 13.53 29.21
N SER A 47 16.33 13.39 30.48
CA SER A 47 14.98 13.01 30.88
C SER A 47 13.93 13.99 30.33
N PHE A 48 12.74 13.47 30.04
CA PHE A 48 11.61 14.34 29.69
C PHE A 48 11.33 15.26 30.87
N ALA A 49 11.52 14.74 32.10
CA ALA A 49 11.31 15.54 33.33
C ALA A 49 12.25 16.76 33.42
N GLY A 50 13.27 16.79 32.55
CA GLY A 50 14.24 17.85 32.43
C GLY A 50 13.76 19.06 31.67
N ALA A 51 12.52 19.04 31.21
CA ALA A 51 11.97 20.21 30.50
C ALA A 51 11.75 21.39 31.43
N ALA A 52 11.98 22.57 30.90
CA ALA A 52 11.63 23.83 31.59
C ALA A 52 10.18 23.94 32.05
N THR A 53 9.26 23.34 31.31
CA THR A 53 7.81 23.54 31.50
C THR A 53 7.14 22.26 31.10
N VAL A 54 6.32 21.76 32.00
CA VAL A 54 5.67 20.53 31.77
C VAL A 54 4.28 20.77 32.26
N THR A 55 3.29 20.58 31.39
CA THR A 55 1.88 20.62 31.77
C THR A 55 1.21 19.28 31.47
N HIS A 56 0.17 18.99 32.23
CA HIS A 56 -0.61 17.78 32.01
C HIS A 56 -2.08 18.19 31.85
N GLU A 57 -2.82 17.40 31.06
CA GLU A 57 -4.24 17.63 30.76
C GLU A 57 -4.93 16.27 30.78
N ARG A 58 -5.97 16.18 31.61
CA ARG A 58 -6.79 15.01 31.68
C ARG A 58 -7.71 15.05 30.47
N ILE A 59 -8.00 13.90 29.84
CA ILE A 59 -8.69 13.88 28.53
C ILE A 59 -9.67 12.74 28.37
N GLU A 60 -10.86 13.06 27.83
CA GLU A 60 -11.83 12.07 27.42
C GLU A 60 -12.36 12.45 26.03
N THR A 61 -12.50 11.47 25.14
CA THR A 61 -12.90 11.73 23.76
C THR A 61 -13.84 10.60 23.49
N GLY A 62 -14.53 10.65 22.35
CA GLY A 62 -15.40 9.57 21.90
C GLY A 62 -14.74 8.22 21.78
N THR A 63 -13.40 8.20 21.73
CA THR A 63 -12.70 6.92 21.53
C THR A 63 -11.85 6.44 22.72
N GLY A 64 -11.48 7.35 23.60
CA GLY A 64 -10.72 6.91 24.78
C GLY A 64 -10.68 7.94 25.86
N VAL A 65 -9.86 7.65 26.87
CA VAL A 65 -9.57 8.52 28.03
C VAL A 65 -8.08 8.46 28.36
N GLY A 66 -7.49 9.56 28.82
CA GLY A 66 -6.11 9.51 29.17
C GLY A 66 -5.56 10.87 29.38
N VAL A 67 -4.24 11.00 29.24
CA VAL A 67 -3.57 12.22 29.59
C VAL A 67 -2.63 12.66 28.49
N ARG A 68 -2.65 13.96 28.24
CA ARG A 68 -1.82 14.54 27.26
C ARG A 68 -0.86 15.50 28.00
N SER A 69 0.44 15.36 27.74
CA SER A 69 1.46 16.14 28.44
C SER A 69 2.29 16.92 27.47
N VAL A 70 2.58 18.19 27.77
CA VAL A 70 3.39 19.06 26.90
C VAL A 70 4.71 19.38 27.60
N PHE A 71 5.82 19.28 26.89
CA PHE A 71 7.12 19.44 27.47
C PHE A 71 7.85 20.48 26.68
N ALA A 72 8.30 21.57 27.30
CA ALA A 72 8.97 22.61 26.54
C ALA A 72 10.24 23.18 27.19
N GLY A 73 11.28 23.47 26.40
CA GLY A 73 12.55 24.07 26.89
C GLY A 73 13.49 23.00 27.43
N PHE A 74 14.64 22.82 26.77
CA PHE A 74 15.63 21.82 27.21
C PHE A 74 17.01 22.44 27.17
N ALA A 75 17.77 22.27 28.26
CA ALA A 75 18.91 23.19 28.54
C ALA A 75 18.37 24.62 28.32
N GLY A 76 18.94 25.35 27.38
CA GLY A 76 18.40 26.70 27.09
C GLY A 76 17.57 26.77 25.81
N ALA A 77 17.31 25.61 25.21
CA ALA A 77 16.81 25.49 23.82
C ALA A 77 15.31 25.36 23.76
N ASP A 78 14.71 26.10 22.83
CA ASP A 78 13.28 26.06 22.67
C ASP A 78 12.87 24.88 21.78
N TYR A 79 12.61 23.76 22.44
CA TYR A 79 12.33 22.54 21.75
C TYR A 79 11.13 22.09 22.49
N ALA A 80 10.07 21.66 21.78
CA ALA A 80 8.89 21.16 22.48
C ALA A 80 8.25 19.94 21.87
N PHE A 81 7.50 19.20 22.65
CA PHE A 81 6.78 18.08 22.14
C PHE A 81 5.79 17.69 23.16
N GLU A 82 4.94 16.74 22.81
CA GLU A 82 3.92 16.35 23.70
C GLU A 82 3.69 14.88 23.64
N THR A 83 3.22 14.28 24.73
CA THR A 83 2.79 12.88 24.72
C THR A 83 1.29 12.76 24.98
N TYR A 84 0.75 11.63 24.58
CA TYR A 84 -0.61 11.33 24.79
C TYR A 84 -0.66 9.86 25.10
N ILE A 85 -1.17 9.56 26.30
CA ILE A 85 -1.27 8.16 26.72
C ILE A 85 -2.73 7.92 27.13
N TRP A 86 -3.32 6.89 26.54
CA TRP A 86 -4.74 6.73 26.64
C TRP A 86 -5.24 5.30 26.47
N ILE A 87 -6.38 5.01 27.08
CA ILE A 87 -7.10 3.74 26.87
C ILE A 87 -8.14 3.85 25.79
N GLU A 88 -8.11 2.92 24.84
CA GLU A 88 -9.08 2.89 23.74
C GLU A 88 -10.34 2.14 24.19
N ARG A 89 -11.48 2.82 24.07
CA ARG A 89 -12.81 2.34 24.57
C ARG A 89 -13.16 1.03 23.97
N SER A 90 -13.03 0.93 22.64
CA SER A 90 -13.48 -0.27 21.95
C SER A 90 -12.65 -1.49 22.23
N SER A 91 -11.44 -1.35 22.78
CA SER A 91 -10.55 -2.54 22.91
C SER A 91 -9.91 -2.71 24.31
N GLY A 92 -9.83 -1.66 25.10
CA GLY A 92 -8.95 -1.68 26.32
C GLY A 92 -7.42 -1.58 26.07
N ASP A 93 -7.00 -1.27 24.85
CA ASP A 93 -5.58 -1.18 24.51
C ASP A 93 -5.09 0.09 25.11
N VAL A 94 -3.80 0.17 25.35
CA VAL A 94 -3.26 1.49 25.75
C VAL A 94 -2.37 2.00 24.62
N LEU A 95 -2.59 3.25 24.23
CA LEU A 95 -1.84 3.89 23.14
C LEU A 95 -0.93 4.96 23.67
N CYS A 96 0.29 5.01 23.13
CA CYS A 96 1.30 5.99 23.53
C CYS A 96 1.75 6.76 22.33
N GLU A 97 1.60 8.08 22.37
CA GLU A 97 1.91 8.91 21.22
C GLU A 97 2.91 9.93 21.67
N TRP A 98 3.91 10.19 20.81
CA TRP A 98 4.92 11.22 21.02
C TRP A 98 4.75 12.10 19.79
N VAL A 99 4.52 13.36 20.02
CA VAL A 99 4.09 14.26 19.01
C VAL A 99 5.06 15.41 19.02
N PRO A 100 5.79 15.59 17.94
CA PRO A 100 6.70 16.77 17.85
C PRO A 100 5.87 18.05 17.69
N LEU A 101 6.31 19.15 18.29
CA LEU A 101 5.59 20.46 18.25
C LEU A 101 6.53 21.55 17.78
N ARG A 102 7.68 21.68 18.40
CA ARG A 102 8.64 22.67 17.99
C ARG A 102 10.06 22.10 17.90
N GLU A 103 10.66 22.21 16.73
CA GLU A 103 12.03 21.77 16.56
C GLU A 103 12.72 22.83 15.75
N CYS A 104 13.99 23.08 16.04
CA CYS A 104 14.73 24.02 15.22
C CYS A 104 16.17 23.55 14.84
N ARG A 109 21.06 18.97 17.35
CA ARG A 109 19.92 18.15 16.88
C ARG A 109 19.57 16.99 17.85
N ILE A 110 18.28 16.57 17.84
CA ILE A 110 17.82 15.31 18.51
C ILE A 110 18.35 14.07 17.76
N ASP A 111 19.06 13.17 18.42
CA ASP A 111 19.48 11.92 17.77
C ASP A 111 18.51 10.78 17.97
N ARG A 112 17.89 10.70 19.16
CA ARG A 112 17.10 9.55 19.47
C ARG A 112 16.16 9.91 20.59
N VAL A 113 15.01 9.24 20.64
CA VAL A 113 14.04 9.34 21.71
C VAL A 113 13.81 7.95 22.25
N LEU A 114 14.01 7.76 23.57
CA LEU A 114 13.83 6.42 24.21
C LEU A 114 12.61 6.57 25.03
N TRP A 115 11.53 6.03 24.50
CA TRP A 115 10.19 6.25 24.99
C TRP A 115 9.18 5.30 24.23
N PRO A 116 8.15 4.78 24.89
CA PRO A 116 7.99 4.79 26.36
C PRO A 116 9.11 4.01 27.09
N ALA A 117 9.36 4.41 28.31
CA ALA A 117 10.23 3.67 29.23
C ALA A 117 9.92 2.16 29.24
N PRO A 118 10.95 1.32 29.39
CA PRO A 118 10.67 -0.10 29.50
C PRO A 118 9.81 -0.40 30.73
N LEU A 119 9.02 -1.46 30.61
CA LEU A 119 8.26 -2.03 31.70
C LEU A 119 9.08 -2.98 32.58
N SER A 120 8.75 -2.98 33.87
CA SER A 120 9.40 -3.84 34.85
C SER A 120 9.03 -5.30 34.51
N PHE A 121 10.06 -6.14 34.47
CA PHE A 121 9.96 -7.58 34.21
C PHE A 121 11.17 -8.22 34.90
N ASP A 122 11.13 -8.24 36.22
CA ASP A 122 12.37 -8.41 37.00
C ASP A 122 12.45 -9.63 37.92
N ARG A 123 11.59 -10.62 37.71
CA ARG A 123 11.61 -11.87 38.47
C ARG A 123 12.45 -12.87 37.73
N ALA A 124 13.40 -13.50 38.43
CA ALA A 124 14.29 -14.45 37.76
C ALA A 124 13.62 -15.81 37.42
N ASP A 125 12.30 -15.78 37.23
CA ASP A 125 11.37 -16.90 37.11
C ASP A 125 11.59 -17.99 36.02
N ALA A 126 12.57 -17.74 35.10
CA ALA A 126 12.84 -18.70 33.97
C ALA A 126 11.64 -19.14 33.06
N HIS A 127 10.42 -19.07 33.58
CA HIS A 127 9.25 -19.15 32.73
C HIS A 127 8.74 -17.73 32.48
N ASP A 128 9.40 -16.72 33.07
CA ASP A 128 9.16 -15.33 32.70
C ASP A 128 10.07 -15.01 31.49
N VAL A 129 9.48 -14.93 30.28
CA VAL A 129 10.22 -14.82 29.00
C VAL A 129 9.90 -13.56 28.20
N THR A 130 10.90 -13.09 27.45
CA THR A 130 10.79 -11.89 26.59
C THR A 130 10.87 -12.40 25.14
N LEU A 131 9.99 -11.92 24.26
CA LEU A 131 10.03 -12.31 22.84
C LEU A 131 10.54 -11.14 22.01
N ILE A 132 11.51 -11.41 21.14
CA ILE A 132 12.01 -10.38 20.21
C ILE A 132 12.09 -10.96 18.84
N THR A 133 11.94 -10.04 17.87
CA THR A 133 11.84 -10.41 16.47
C THR A 133 13.12 -10.31 15.72
N HIS A 134 14.21 -10.49 16.46
CA HIS A 134 15.53 -10.57 15.85
C HIS A 134 15.61 -11.82 15.00
N GLU A 135 15.56 -11.66 13.67
CA GLU A 135 15.45 -12.79 12.75
C GLU A 135 14.26 -13.69 13.11
N GLN A 136 14.24 -14.96 12.70
CA GLN A 136 12.98 -15.80 12.84
C GLN A 136 12.35 -15.69 14.19
N GLY A 137 13.16 -15.77 15.25
CA GLY A 137 12.60 -15.46 16.56
C GLY A 137 13.37 -15.99 17.76
N VAL A 138 13.35 -15.26 18.87
CA VAL A 138 14.06 -15.59 20.09
C VAL A 138 13.12 -15.44 21.32
N MET A 139 13.12 -16.45 22.18
CA MET A 139 12.43 -16.36 23.49
C MET A 139 13.50 -16.42 24.55
N ILE A 140 13.55 -15.39 25.38
CA ILE A 140 14.64 -15.14 26.29
C ILE A 140 14.13 -15.27 27.72
N PRO A 141 14.43 -16.43 28.35
CA PRO A 141 14.02 -16.56 29.78
C PRO A 141 14.73 -15.50 30.64
N ASN A 142 14.04 -14.94 31.63
CA ASN A 142 14.73 -14.03 32.60
C ASN A 142 16.01 -14.54 33.31
N SER A 143 16.12 -15.86 33.39
CA SER A 143 17.29 -16.52 33.99
C SER A 143 18.38 -16.88 32.97
N TRP A 144 18.10 -16.67 31.67
CA TRP A 144 19.00 -17.07 30.61
C TRP A 144 20.43 -16.68 30.98
N PRO A 145 21.36 -17.64 30.90
CA PRO A 145 22.75 -17.38 31.36
C PRO A 145 23.56 -16.35 30.51
N THR A 146 23.30 -16.28 29.19
CA THR A 146 24.05 -15.37 28.31
C THR A 146 23.46 -13.96 28.30
N GLU A 147 24.36 -12.98 28.30
CA GLU A 147 23.99 -11.60 28.20
C GLU A 147 23.33 -11.33 26.82
N VAL A 148 22.32 -10.44 26.81
CA VAL A 148 21.71 -9.97 25.55
C VAL A 148 21.50 -8.49 25.60
N GLY A 149 22.26 -7.75 24.78
CA GLY A 149 22.15 -6.27 24.66
C GLY A 149 21.92 -5.85 23.20
N THR A 150 21.53 -4.59 23.00
CA THR A 150 21.17 -4.08 21.67
C THR A 150 22.32 -4.23 20.66
N ASP A 151 23.55 -4.06 21.12
CA ASP A 151 24.72 -4.17 20.29
C ASP A 151 25.05 -5.58 19.82
N ALA A 152 24.43 -6.62 20.40
CA ALA A 152 24.44 -7.97 19.82
C ALA A 152 23.22 -8.26 18.91
N VAL A 153 22.33 -7.28 18.74
CA VAL A 153 21.18 -7.46 17.86
C VAL A 153 21.52 -6.82 16.50
N SER A 154 21.22 -7.49 15.39
CA SER A 154 21.54 -6.95 14.07
C SER A 154 20.93 -5.58 13.90
N PHE A 155 21.67 -4.70 13.23
CA PHE A 155 21.16 -3.34 12.96
C PHE A 155 20.72 -2.54 14.16
N GLY A 156 21.26 -2.83 15.33
CA GLY A 156 20.86 -2.01 16.48
C GLY A 156 19.41 -2.14 16.87
N GLY A 157 18.79 -3.28 16.51
CA GLY A 157 17.38 -3.53 16.88
C GLY A 157 16.40 -2.72 16.05
N ARG A 158 16.86 -2.21 14.90
CA ARG A 158 16.00 -1.47 13.96
C ARG A 158 14.82 -2.35 13.44
N PHE A 159 13.60 -1.84 13.49
CA PHE A 159 12.49 -2.53 12.84
C PHE A 159 12.68 -2.43 11.34
N GLU A 160 11.99 -3.34 10.64
CA GLU A 160 12.10 -3.43 9.19
C GLU A 160 13.43 -3.86 8.72
N THR A 161 14.20 -4.56 9.58
CA THR A 161 15.49 -5.20 9.24
C THR A 161 15.59 -6.63 9.81
N ALA A 162 16.67 -7.34 9.53
CA ALA A 162 17.00 -8.59 10.24
C ALA A 162 17.03 -8.44 11.74
N GLY A 163 17.34 -7.25 12.26
CA GLY A 163 17.28 -6.97 13.68
C GLY A 163 15.89 -6.95 14.30
N GLY A 164 14.87 -6.68 13.46
CA GLY A 164 13.46 -6.53 13.90
C GLY A 164 12.56 -6.87 12.71
N TYR A 165 12.39 -8.17 12.40
CA TYR A 165 11.57 -8.64 11.26
C TYR A 165 10.12 -8.09 11.30
N MET A 166 9.62 -7.89 12.51
CA MET A 166 8.29 -7.32 12.73
C MET A 166 8.44 -6.26 13.84
N PRO A 167 7.62 -5.17 13.78
CA PRO A 167 7.59 -4.00 14.67
C PRO A 167 6.88 -4.21 16.05
N TRP A 168 7.38 -5.19 16.78
CA TRP A 168 6.84 -5.52 18.08
C TRP A 168 7.84 -6.29 18.96
N PHE A 169 7.64 -6.15 20.25
CA PHE A 169 8.28 -7.06 21.19
C PHE A 169 7.22 -7.42 22.22
N ALA A 170 7.46 -8.49 22.98
CA ALA A 170 6.49 -8.91 24.03
C ALA A 170 7.16 -9.55 25.25
N GLN A 171 6.54 -9.40 26.43
CA GLN A 171 6.98 -10.13 27.64
C GLN A 171 5.78 -10.93 28.21
N LEU A 172 6.08 -12.16 28.66
CA LEU A 172 5.10 -13.17 29.08
C LEU A 172 5.50 -13.70 30.49
N ARG A 173 4.78 -13.30 31.53
CA ARG A 173 4.96 -13.92 32.88
C ARG A 173 4.54 -15.39 32.86
N SER A 174 5.08 -16.19 33.80
CA SER A 174 4.68 -17.62 33.98
C SER A 174 3.19 -17.91 34.21
N ASP A 175 2.46 -16.97 34.78
CA ASP A 175 1.02 -17.16 34.95
C ASP A 175 0.16 -17.00 33.67
N GLY A 176 0.78 -16.80 32.49
CA GLY A 176 0.06 -16.52 31.22
C GLY A 176 -0.44 -15.08 31.01
N HIS A 177 -0.01 -14.19 31.91
CA HIS A 177 -0.27 -12.74 31.79
C HIS A 177 0.87 -12.11 31.00
N ALA A 178 0.51 -11.37 29.96
CA ALA A 178 1.51 -10.88 28.98
C ALA A 178 1.13 -9.55 28.43
N TYR A 179 2.12 -8.87 27.85
CA TYR A 179 1.84 -7.73 27.00
C TYR A 179 2.63 -7.85 25.68
N ILE A 180 2.05 -7.29 24.60
CA ILE A 180 2.73 -7.06 23.33
C ILE A 180 2.73 -5.52 23.08
N ALA A 181 3.90 -4.96 22.80
CA ALA A 181 3.99 -3.55 22.39
C ALA A 181 4.23 -3.52 20.86
N ILE A 182 3.25 -2.94 20.16
CA ILE A 182 3.28 -2.85 18.74
C ILE A 182 3.67 -1.44 18.32
N CYS A 183 4.76 -1.31 17.55
CA CYS A 183 5.18 0.02 17.12
C CYS A 183 4.36 0.26 15.86
N GLU A 184 3.41 1.21 15.91
CA GLU A 184 2.59 1.47 14.72
C GLU A 184 3.25 2.42 13.70
N THR A 185 4.39 3.04 14.04
CA THR A 185 5.15 3.94 13.15
C THR A 185 6.61 3.46 13.16
N PRO A 186 6.89 2.41 12.40
CA PRO A 186 8.15 1.69 12.60
C PRO A 186 9.32 2.13 11.72
N TRP A 187 9.05 3.07 10.80
CA TRP A 187 10.06 3.33 9.75
C TRP A 187 11.34 4.07 10.16
N ASN A 188 11.28 4.75 11.30
CA ASN A 188 12.44 5.39 11.86
C ASN A 188 12.47 4.97 13.34
N ALA A 189 12.37 3.67 13.59
CA ALA A 189 12.24 3.18 14.94
C ALA A 189 12.88 1.80 15.11
N GLY A 190 12.98 1.37 16.36
CA GLY A 190 13.54 0.07 16.66
C GLY A 190 13.32 -0.24 18.15
N TYR A 191 13.94 -1.32 18.63
CA TYR A 191 13.82 -1.66 20.05
C TYR A 191 15.25 -1.78 20.65
N ASP A 192 15.30 -1.54 21.94
CA ASP A 192 16.47 -1.67 22.77
C ASP A 192 16.24 -2.81 23.70
N ILE A 193 17.25 -3.67 23.84
CA ILE A 193 17.15 -4.77 24.80
C ILE A 193 18.32 -4.76 25.80
N ASP A 194 17.98 -4.92 27.07
CA ASP A 194 18.97 -5.15 28.12
C ASP A 194 18.66 -6.41 28.93
N HIS A 195 19.40 -7.49 28.69
CA HIS A 195 19.31 -8.66 29.55
C HIS A 195 20.73 -8.98 30.04
N PRO A 196 21.06 -8.65 31.30
CA PRO A 196 22.42 -9.07 31.76
C PRO A 196 22.49 -10.60 31.90
N ALA A 197 23.69 -11.14 31.75
CA ALA A 197 23.99 -12.57 31.97
C ALA A 197 23.33 -13.07 33.28
N GLY A 198 22.54 -14.15 33.18
CA GLY A 198 21.80 -14.75 34.31
C GLY A 198 20.67 -13.89 34.81
N GLY A 199 20.43 -12.76 34.17
CA GLY A 199 19.35 -11.89 34.62
C GLY A 199 19.67 -10.98 35.81
N PRO A 200 18.72 -10.79 36.72
CA PRO A 200 17.46 -11.52 36.77
C PRO A 200 16.28 -10.88 36.02
N TYR A 201 16.55 -9.74 35.37
CA TYR A 201 15.56 -9.01 34.61
C TYR A 201 15.89 -9.02 33.08
N THR A 202 14.91 -8.61 32.27
CA THR A 202 15.14 -8.25 30.87
C THR A 202 14.31 -7.01 30.63
N HIS A 203 14.96 -5.94 30.18
CA HIS A 203 14.24 -4.72 29.82
C HIS A 203 14.26 -4.49 28.31
N VAL A 204 13.08 -4.20 27.74
CA VAL A 204 12.92 -3.96 26.32
C VAL A 204 12.15 -2.69 26.15
N GLY A 205 12.68 -1.78 25.34
CA GLY A 205 12.05 -0.44 25.16
C GLY A 205 12.14 -0.01 23.68
N MET A 206 11.11 0.71 23.20
CA MET A 206 11.13 1.33 21.87
C MET A 206 12.12 2.50 21.77
N TRP A 207 12.71 2.69 20.59
CA TRP A 207 13.43 3.94 20.36
C TRP A 207 12.98 4.55 19.01
N PHE A 208 13.15 5.85 18.85
CA PHE A 208 12.74 6.56 17.65
C PHE A 208 13.83 7.52 17.29
N GLU A 209 14.11 7.62 15.99
CA GLU A 209 15.12 8.48 15.45
C GLU A 209 14.39 9.52 14.58
N PRO A 210 15.02 10.68 14.40
CA PRO A 210 14.54 11.66 13.40
C PRO A 210 14.50 11.10 11.96
N SER A 211 13.67 11.73 11.12
CA SER A 211 13.58 11.45 9.68
C SER A 211 14.17 12.65 8.96
N LEU A 212 15.23 12.46 8.18
CA LEU A 212 15.94 13.58 7.48
C LEU A 212 16.19 14.75 8.47
N GLY A 213 16.65 14.39 9.68
CA GLY A 213 17.12 15.30 10.73
C GLY A 213 16.07 16.01 11.60
N ARG A 214 14.80 15.63 11.49
CA ARG A 214 13.71 16.16 12.32
C ARG A 214 12.85 15.00 12.78
N MET A 215 12.30 15.09 13.98
CA MET A 215 11.39 14.05 14.40
C MET A 215 10.15 14.02 13.52
N ASP A 216 9.75 15.20 13.03
CA ASP A 216 8.74 15.31 11.98
C ASP A 216 7.33 14.77 12.28
N TYR A 217 7.12 13.46 12.44
CA TYR A 217 5.75 12.97 12.57
C TYR A 217 5.54 12.24 13.88
N ARG A 218 4.28 12.19 14.29
CA ARG A 218 3.84 11.46 15.54
C ARG A 218 4.30 10.05 15.54
N ARG A 219 4.84 9.58 16.66
CA ARG A 219 5.29 8.20 16.82
C ARG A 219 4.29 7.53 17.75
N VAL A 220 3.88 6.31 17.40
CA VAL A 220 2.80 5.66 18.12
C VAL A 220 3.11 4.23 18.48
N VAL A 221 2.84 3.89 19.74
CA VAL A 221 2.99 2.55 20.23
C VAL A 221 1.67 2.14 20.85
N ARG A 222 1.30 0.90 20.56
CA ARG A 222 0.06 0.31 21.03
C ARG A 222 0.37 -0.92 21.93
N TYR A 223 -0.10 -0.85 23.17
CA TYR A 223 0.06 -1.96 24.13
C TYR A 223 -1.24 -2.72 24.25
N ARG A 224 -1.18 -4.04 24.17
CA ARG A 224 -2.29 -4.95 24.52
C ARG A 224 -1.91 -5.91 25.66
N LEU A 225 -2.71 -5.87 26.73
CA LEU A 225 -2.47 -6.72 27.89
C LEU A 225 -3.26 -7.99 27.69
N LEU A 226 -2.55 -9.12 27.61
CA LEU A 226 -3.12 -10.42 27.32
C LEU A 226 -3.11 -11.26 28.60
N ASP A 227 -4.05 -12.19 28.64
CA ASP A 227 -4.20 -13.14 29.74
C ASP A 227 -4.44 -14.51 29.14
N HIS A 228 -4.15 -15.54 29.94
CA HIS A 228 -4.11 -16.94 29.45
C HIS A 228 -3.27 -17.06 28.19
N ALA A 229 -2.23 -16.22 28.10
CA ALA A 229 -1.45 -16.07 26.85
C ALA A 229 -0.30 -17.03 26.85
N ASP A 230 0.06 -17.51 25.65
CA ASP A 230 1.37 -18.11 25.39
C ASP A 230 2.05 -17.41 24.17
N HIS A 231 3.24 -17.86 23.75
CA HIS A 231 3.91 -17.16 22.66
C HIS A 231 3.12 -17.24 21.34
N THR A 232 2.42 -18.37 21.12
CA THR A 232 1.56 -18.52 19.95
C THR A 232 0.50 -17.43 19.98
N ALA A 233 -0.21 -17.33 21.09
CA ALA A 233 -1.27 -16.30 21.19
C ALA A 233 -0.71 -14.87 20.98
N ILE A 234 0.47 -14.57 21.54
CA ILE A 234 1.09 -13.24 21.34
C ILE A 234 1.30 -12.95 19.86
N CYS A 235 1.90 -13.89 19.16
CA CYS A 235 2.05 -13.76 17.73
C CYS A 235 0.72 -13.49 16.98
N LYS A 236 -0.35 -14.21 17.35
CA LYS A 236 -1.64 -14.07 16.64
C LYS A 236 -2.27 -12.69 16.89
N THR A 237 -2.07 -12.12 18.07
CA THR A 237 -2.35 -10.70 18.28
C THR A 237 -1.78 -9.77 17.16
N TYR A 238 -0.52 -9.96 16.79
CA TYR A 238 0.12 -9.06 15.83
C TYR A 238 -0.39 -9.47 14.43
N ARG A 239 -0.53 -10.77 14.13
CA ARG A 239 -1.20 -11.23 12.89
C ARG A 239 -2.57 -10.58 12.61
N ALA A 240 -3.40 -10.50 13.63
CA ALA A 240 -4.71 -9.85 13.45
C ALA A 240 -4.58 -8.33 13.23
N TYR A 241 -3.64 -7.73 13.96
CA TYR A 241 -3.35 -6.30 13.81
C TYR A 241 -3.04 -5.99 12.35
N VAL A 242 -2.18 -6.82 11.76
CA VAL A 242 -1.71 -6.63 10.38
C VAL A 242 -2.79 -6.90 9.32
N ASN A 243 -3.48 -8.02 9.46
CA ASN A 243 -4.62 -8.28 8.59
C ASN A 243 -5.71 -7.18 8.72
N GLU A 244 -6.07 -6.81 9.93
CA GLU A 244 -6.94 -5.60 10.10
C GLU A 244 -6.53 -4.30 9.36
N ARG A 245 -5.22 -4.17 9.04
CA ARG A 245 -4.69 -2.99 8.30
C ARG A 245 -4.34 -3.29 6.85
N GLY A 246 -4.76 -4.46 6.42
CA GLY A 246 -4.66 -4.88 5.05
C GLY A 246 -3.34 -5.36 4.51
N ARG A 247 -2.43 -5.78 5.39
CA ARG A 247 -1.03 -6.07 4.94
C ARG A 247 -0.68 -7.54 5.14
N LEU A 248 -1.67 -8.33 5.53
CA LEU A 248 -1.47 -9.78 5.64
C LEU A 248 -1.75 -10.47 4.28
N ARG A 249 -0.82 -10.34 3.34
CA ARG A 249 -1.09 -10.79 1.97
C ARG A 249 -0.65 -12.24 1.76
N THR A 250 -1.64 -13.14 1.74
CA THR A 250 -1.38 -14.59 1.75
C THR A 250 -0.85 -15.04 0.44
N LEU A 251 -0.19 -16.19 0.44
CA LEU A 251 0.30 -16.77 -0.83
C LEU A 251 -0.85 -17.03 -1.80
N ALA A 252 -1.96 -17.47 -1.24
CA ALA A 252 -3.21 -17.69 -1.99
C ALA A 252 -3.63 -16.42 -2.67
N GLU A 253 -3.67 -15.29 -1.94
CA GLU A 253 -3.91 -14.02 -2.62
C GLU A 253 -2.91 -13.74 -3.72
N LYS A 254 -1.65 -14.12 -3.47
CA LYS A 254 -0.61 -13.86 -4.46
C LYS A 254 -0.80 -14.78 -5.69
N ALA A 255 -1.20 -16.01 -5.39
CA ALA A 255 -1.46 -17.02 -6.42
C ALA A 255 -2.60 -16.65 -7.31
N ALA A 256 -3.67 -16.06 -6.77
CA ALA A 256 -4.74 -15.56 -7.65
C ALA A 256 -4.21 -14.58 -8.72
N ARG A 257 -3.07 -13.92 -8.49
CA ARG A 257 -2.55 -13.05 -9.55
C ARG A 257 -1.47 -13.80 -10.41
N ASN A 258 -0.65 -14.61 -9.73
CA ASN A 258 0.50 -15.27 -10.35
C ASN A 258 0.40 -16.73 -9.94
N PRO A 259 -0.35 -17.54 -10.73
CA PRO A 259 -0.60 -18.94 -10.30
C PRO A 259 0.72 -19.70 -10.08
N SER A 260 1.80 -19.27 -10.75
CA SER A 260 3.17 -19.88 -10.57
C SER A 260 3.69 -19.84 -9.14
N VAL A 261 3.10 -19.00 -8.30
CA VAL A 261 3.38 -19.08 -6.83
C VAL A 261 3.34 -20.53 -6.29
N ARG A 262 2.33 -21.31 -6.69
CA ARG A 262 2.13 -22.66 -6.13
C ARG A 262 3.24 -23.59 -6.57
N ASP A 263 3.85 -23.26 -7.69
CA ASP A 263 4.89 -24.08 -8.26
C ASP A 263 6.19 -24.03 -7.51
N LEU A 264 6.29 -23.15 -6.48
CA LEU A 264 7.43 -23.19 -5.53
C LEU A 264 7.25 -24.23 -4.41
N LEU A 265 6.03 -24.62 -4.11
CA LEU A 265 5.82 -25.63 -3.03
C LEU A 265 6.56 -26.91 -3.41
N GLY A 266 7.31 -27.46 -2.47
CA GLY A 266 8.03 -28.73 -2.62
C GLY A 266 9.31 -28.72 -3.42
N ARG A 267 9.76 -27.54 -3.85
CA ARG A 267 11.05 -27.48 -4.57
C ARG A 267 12.22 -27.53 -3.62
N SER A 268 13.34 -28.08 -4.13
CA SER A 268 14.60 -28.04 -3.39
C SER A 268 15.46 -26.94 -4.00
N TRP A 269 16.14 -26.18 -3.14
CA TRP A 269 16.87 -24.99 -3.63
C TRP A 269 18.32 -25.27 -3.96
N VAL A 270 18.76 -24.73 -5.12
CA VAL A 270 20.15 -24.73 -5.53
C VAL A 270 20.71 -23.28 -5.70
N HIS A 271 21.69 -22.90 -4.88
CA HIS A 271 22.29 -21.57 -4.88
C HIS A 271 23.78 -21.68 -5.28
N VAL A 272 24.15 -21.28 -6.51
CA VAL A 272 25.49 -21.48 -7.01
C VAL A 272 25.69 -20.37 -8.03
N GLY A 273 26.93 -20.17 -8.46
CA GLY A 273 27.30 -18.97 -9.20
C GLY A 273 28.05 -19.20 -10.46
N ILE A 274 28.50 -18.11 -11.07
CA ILE A 274 29.11 -18.19 -12.40
C ILE A 274 30.46 -17.51 -12.35
N LYS A 275 30.48 -16.16 -12.39
CA LYS A 275 31.72 -15.42 -12.35
C LYS A 275 32.03 -14.75 -10.98
N THR A 276 33.25 -14.96 -10.49
CA THR A 276 33.82 -14.28 -9.32
C THR A 276 34.89 -13.36 -9.85
N ASN A 277 34.93 -12.15 -9.29
CA ASN A 277 35.82 -11.12 -9.78
C ASN A 277 36.09 -10.09 -8.68
N VAL A 278 36.91 -10.47 -7.73
CA VAL A 278 37.16 -9.63 -6.55
C VAL A 278 38.19 -8.54 -6.96
N GLN A 279 37.84 -7.26 -6.75
CA GLN A 279 38.69 -6.17 -7.22
C GLN A 279 39.78 -5.86 -6.24
N PRO A 280 40.87 -5.20 -6.71
CA PRO A 280 41.97 -4.96 -5.77
C PRO A 280 41.58 -4.15 -4.55
N ASP A 281 40.60 -3.27 -4.67
CA ASP A 281 40.21 -2.43 -3.54
C ASP A 281 39.16 -3.09 -2.66
N SER A 282 38.70 -4.28 -3.06
CA SER A 282 37.73 -4.97 -2.21
C SER A 282 38.33 -5.39 -0.86
N SER A 283 37.55 -5.34 0.20
CA SER A 283 38.03 -5.90 1.42
C SER A 283 38.30 -7.44 1.31
N PHE A 284 37.83 -8.10 0.26
CA PHE A 284 38.01 -9.59 0.15
C PHE A 284 39.22 -9.97 -0.66
N TYR A 285 39.86 -8.98 -1.26
CA TYR A 285 40.96 -9.19 -2.14
C TYR A 285 42.09 -9.89 -1.41
N ASP A 286 42.66 -10.88 -2.09
CA ASP A 286 43.78 -11.71 -1.62
C ASP A 286 44.89 -11.49 -2.64
N PRO A 287 45.81 -10.57 -2.33
CA PRO A 287 46.73 -10.09 -3.34
C PRO A 287 47.73 -11.21 -3.78
N ALA A 288 47.95 -12.20 -2.93
CA ALA A 288 48.80 -13.33 -3.30
C ALA A 288 48.04 -14.51 -3.94
N GLN A 289 46.75 -14.35 -4.26
CA GLN A 289 45.92 -15.49 -4.70
C GLN A 289 45.07 -15.22 -5.95
N PRO A 290 45.70 -15.12 -7.14
CA PRO A 290 44.89 -14.75 -8.31
C PRO A 290 43.71 -15.70 -8.60
N GLY A 291 43.92 -17.00 -8.41
CA GLY A 291 42.87 -17.98 -8.67
C GLY A 291 41.73 -17.83 -7.69
N LYS A 292 42.00 -17.25 -6.52
CA LYS A 292 40.98 -16.98 -5.54
C LYS A 292 40.15 -15.73 -5.93
N ASN A 293 40.80 -14.70 -6.46
CA ASN A 293 40.09 -13.48 -6.77
C ASN A 293 39.20 -13.59 -8.01
N ASP A 294 39.42 -14.63 -8.80
CA ASP A 294 39.04 -14.60 -10.18
C ASP A 294 38.73 -16.02 -10.56
N SER A 295 37.45 -16.36 -10.65
CA SER A 295 37.05 -17.72 -11.02
C SER A 295 35.76 -17.76 -11.85
N LEU A 296 35.55 -18.88 -12.52
CA LEU A 296 34.46 -18.97 -13.47
C LEU A 296 33.97 -20.38 -13.56
N VAL A 297 32.67 -20.55 -13.45
CA VAL A 297 31.96 -21.75 -13.90
C VAL A 297 31.04 -21.28 -15.06
N THR A 298 31.06 -22.01 -16.19
CA THR A 298 30.29 -21.64 -17.37
C THR A 298 28.82 -21.97 -17.19
N PHE A 299 27.98 -21.37 -18.04
CA PHE A 299 26.57 -21.75 -18.10
C PHE A 299 26.37 -23.24 -18.41
N ALA A 300 27.20 -23.78 -19.34
CA ALA A 300 27.16 -25.22 -19.73
C ALA A 300 27.44 -26.15 -18.53
N GLN A 301 28.39 -25.73 -17.68
CA GLN A 301 28.71 -26.54 -16.54
C GLN A 301 27.59 -26.55 -15.56
N ARG A 302 26.89 -25.40 -15.44
CA ARG A 302 25.70 -25.42 -14.56
C ARG A 302 24.54 -26.22 -15.20
N GLU A 303 24.34 -26.06 -16.50
CA GLU A 303 23.41 -26.95 -17.25
C GLU A 303 23.66 -28.48 -17.03
N ARG A 304 24.91 -28.90 -17.21
CA ARG A 304 25.26 -30.30 -16.93
C ARG A 304 24.92 -30.65 -15.49
N GLN A 305 25.17 -29.72 -14.55
CA GLN A 305 24.98 -30.05 -13.15
C GLN A 305 23.48 -30.22 -12.87
N MET A 306 22.66 -29.33 -13.46
CA MET A 306 21.20 -29.45 -13.37
C MET A 306 20.69 -30.78 -14.03
N ARG A 307 21.17 -31.13 -15.22
CA ARG A 307 20.81 -32.46 -15.86
C ARG A 307 21.13 -33.59 -14.91
N THR A 308 22.31 -33.49 -14.25
CA THR A 308 22.85 -34.54 -13.41
C THR A 308 22.06 -34.69 -12.17
N LEU A 309 21.75 -33.56 -11.55
CA LEU A 309 20.91 -33.61 -10.34
C LEU A 309 19.53 -34.27 -10.66
N HIS A 310 18.99 -33.91 -11.81
CA HIS A 310 17.71 -34.44 -12.27
C HIS A 310 17.85 -35.98 -12.42
N GLU A 311 18.87 -36.39 -13.21
CA GLU A 311 19.20 -37.80 -13.45
C GLU A 311 19.37 -38.58 -12.18
N MET A 312 19.88 -37.96 -11.12
CA MET A 312 20.06 -38.60 -9.81
C MET A 312 18.83 -38.61 -8.96
N GLY A 313 17.69 -38.18 -9.50
CA GLY A 313 16.47 -38.11 -8.67
C GLY A 313 16.42 -36.99 -7.60
N ALA A 314 17.10 -35.87 -7.87
CA ALA A 314 17.06 -34.71 -6.93
C ALA A 314 15.61 -34.15 -6.80
N GLY A 315 14.81 -34.35 -7.86
CA GLY A 315 13.40 -33.97 -7.85
C GLY A 315 13.21 -32.57 -8.41
N ARG A 316 12.13 -31.92 -7.96
CA ARG A 316 11.74 -30.58 -8.39
C ARG A 316 12.66 -29.47 -7.76
N LEU A 317 13.30 -28.73 -8.60
CA LEU A 317 14.36 -27.85 -8.17
C LEU A 317 14.06 -26.41 -8.51
N TYR A 318 14.62 -25.49 -7.71
CA TYR A 318 14.71 -24.06 -8.10
C TYR A 318 16.17 -23.65 -7.98
N LEU A 319 16.70 -23.14 -9.09
CA LEU A 319 18.02 -22.68 -9.25
C LEU A 319 18.07 -21.14 -9.19
N HIS A 320 18.80 -20.65 -8.20
CA HIS A 320 19.14 -19.18 -8.07
C HIS A 320 20.60 -19.10 -8.46
N LEU A 321 20.85 -18.30 -9.49
CA LEU A 321 22.14 -18.19 -10.09
C LEU A 321 22.88 -16.84 -9.80
N ASP A 322 23.99 -16.91 -9.00
CA ASP A 322 24.86 -15.74 -8.71
C ASP A 322 25.80 -15.42 -9.85
N GLY A 323 26.16 -14.14 -9.99
CA GLY A 323 27.38 -13.72 -10.78
C GLY A 323 27.27 -14.00 -12.27
N TRP A 324 26.03 -13.95 -12.80
CA TRP A 324 25.74 -14.41 -14.18
C TRP A 324 26.10 -13.36 -15.21
N ALA A 325 26.30 -12.10 -14.79
CA ALA A 325 26.61 -11.02 -15.76
C ALA A 325 28.06 -10.74 -15.88
N GLN A 326 28.42 -10.01 -16.93
CA GLN A 326 29.79 -9.62 -17.27
C GLN A 326 30.72 -9.11 -16.16
N PRO A 327 30.25 -8.14 -15.32
CA PRO A 327 31.16 -7.64 -14.32
C PRO A 327 31.52 -8.70 -13.26
N GLY A 328 30.67 -9.72 -13.09
CA GLY A 328 30.94 -10.70 -12.03
C GLY A 328 30.14 -10.37 -10.78
N TYR A 329 30.00 -11.36 -9.92
CA TYR A 329 29.24 -11.20 -8.71
C TYR A 329 29.67 -9.94 -7.90
N ASP A 330 28.67 -9.19 -7.48
CA ASP A 330 28.87 -7.97 -6.73
C ASP A 330 29.80 -6.96 -7.41
N ASN A 331 29.79 -6.87 -8.75
CA ASN A 331 30.52 -5.79 -9.45
C ASN A 331 29.53 -5.06 -10.30
N GLY A 332 29.79 -3.75 -10.52
CA GLY A 332 29.16 -2.97 -11.58
C GLY A 332 27.67 -2.62 -11.40
N HIS A 333 26.97 -3.19 -10.41
CA HIS A 333 25.52 -2.84 -10.24
C HIS A 333 25.35 -1.33 -10.16
N PRO A 334 24.28 -0.74 -10.75
CA PRO A 334 23.18 -1.39 -11.44
C PRO A 334 23.44 -1.73 -12.94
N ASP A 335 24.67 -1.55 -13.39
CA ASP A 335 25.03 -1.80 -14.76
C ASP A 335 25.52 -3.25 -14.96
N TYR A 336 24.60 -4.19 -14.68
CA TYR A 336 24.98 -5.58 -14.44
C TYR A 336 24.46 -6.36 -15.61
N LEU A 337 25.18 -6.15 -16.73
CA LEU A 337 24.77 -6.55 -18.09
C LEU A 337 26.00 -6.50 -18.96
N PRO A 338 26.12 -7.33 -20.01
CA PRO A 338 25.18 -8.36 -20.47
C PRO A 338 25.48 -9.65 -19.70
N ALA A 339 24.89 -10.80 -20.09
CA ALA A 339 25.25 -12.11 -19.50
C ALA A 339 26.73 -12.35 -19.79
N CYS A 340 27.44 -12.94 -18.85
CA CYS A 340 28.91 -13.01 -18.94
C CYS A 340 29.35 -13.75 -20.20
N ARG A 341 30.15 -13.10 -21.02
CA ARG A 341 30.62 -13.67 -22.31
C ARG A 341 31.45 -14.96 -22.21
N GLU A 342 32.41 -15.00 -21.28
CA GLU A 342 33.22 -16.16 -21.06
C GLU A 342 32.48 -17.34 -20.43
N ALA A 343 31.33 -17.11 -19.78
CA ALA A 343 30.52 -18.22 -19.32
C ALA A 343 29.67 -18.81 -20.44
N GLY A 344 29.62 -18.16 -21.60
CA GLY A 344 28.73 -18.56 -22.69
C GLY A 344 27.78 -17.47 -23.18
N GLY A 345 27.76 -16.29 -22.56
CA GLY A 345 26.87 -15.23 -23.00
C GLY A 345 25.37 -15.51 -22.96
N TRP A 346 24.62 -14.71 -23.71
CA TRP A 346 23.14 -14.81 -23.67
C TRP A 346 22.66 -16.20 -24.14
N LYS A 347 23.40 -16.73 -25.13
CA LYS A 347 23.15 -18.05 -25.74
C LYS A 347 23.26 -19.15 -24.70
N GLY A 348 24.38 -19.17 -23.95
CA GLY A 348 24.60 -20.18 -22.88
C GLY A 348 23.65 -20.00 -21.73
N MET A 349 23.38 -18.75 -21.38
CA MET A 349 22.41 -18.52 -20.31
C MET A 349 20.99 -19.03 -20.68
N LYS A 350 20.58 -18.66 -21.89
CA LYS A 350 19.29 -19.14 -22.45
C LYS A 350 19.23 -20.70 -22.53
N SER A 351 20.32 -21.30 -23.01
CA SER A 351 20.37 -22.76 -23.07
C SER A 351 20.20 -23.38 -21.68
N LEU A 352 20.91 -22.81 -20.69
CA LEU A 352 20.78 -23.26 -19.30
C LEU A 352 19.32 -23.19 -18.78
N ILE A 353 18.67 -22.05 -19.07
CA ILE A 353 17.26 -21.81 -18.61
C ILE A 353 16.29 -22.82 -19.30
N ASP A 354 16.45 -22.95 -20.60
CA ASP A 354 15.73 -23.97 -21.40
C ASP A 354 15.84 -25.37 -20.87
N ALA A 355 17.06 -25.73 -20.47
CA ALA A 355 17.31 -27.07 -19.93
C ALA A 355 16.59 -27.18 -18.64
N CYS A 356 16.67 -26.15 -17.79
CA CYS A 356 15.84 -26.19 -16.56
C CYS A 356 14.34 -26.39 -16.85
N HIS A 357 13.80 -25.61 -17.80
CA HIS A 357 12.35 -25.69 -18.10
C HIS A 357 12.00 -27.09 -18.62
N GLU A 358 12.77 -27.54 -19.61
CA GLU A 358 12.60 -28.89 -20.15
C GLU A 358 12.50 -29.95 -19.07
N GLN A 359 13.16 -29.78 -17.92
CA GLN A 359 13.07 -30.81 -16.87
C GLN A 359 12.16 -30.51 -15.69
N GLY A 360 11.31 -29.50 -15.86
CA GLY A 360 10.30 -29.19 -14.83
C GLY A 360 10.91 -28.37 -13.71
N ASP A 361 11.98 -27.63 -14.01
CA ASP A 361 12.63 -26.85 -12.96
C ASP A 361 12.59 -25.33 -13.15
N LEU A 362 12.71 -24.58 -12.06
CA LEU A 362 12.53 -23.11 -12.09
C LEU A 362 13.88 -22.36 -11.96
N PHE A 363 13.95 -21.16 -12.51
CA PHE A 363 15.19 -20.43 -12.58
C PHE A 363 15.01 -18.93 -12.15
N GLY A 364 16.00 -18.41 -11.41
CA GLY A 364 15.99 -16.99 -10.97
C GLY A 364 17.43 -16.47 -11.01
N THR A 365 17.56 -15.18 -11.29
CA THR A 365 18.84 -14.49 -11.19
C THR A 365 19.03 -13.77 -9.86
N HIS A 366 20.28 -13.80 -9.36
CA HIS A 366 20.71 -12.96 -8.24
C HIS A 366 21.03 -11.56 -8.83
N ASP A 367 20.28 -10.56 -8.40
CA ASP A 367 20.59 -9.22 -8.87
C ASP A 367 20.60 -8.23 -7.70
N GLN A 368 20.95 -6.97 -7.92
CA GLN A 368 21.33 -6.06 -6.81
C GLN A 368 21.06 -4.62 -7.26
N TYR A 369 20.21 -3.90 -6.53
CA TYR A 369 19.85 -2.51 -6.91
C TYR A 369 20.08 -1.45 -5.83
N ARG A 370 20.76 -1.82 -4.75
CA ARG A 370 21.11 -0.86 -3.70
C ARG A 370 22.58 -0.48 -3.79
N ASP A 371 23.48 -1.48 -3.78
CA ASP A 371 24.95 -1.20 -3.90
C ASP A 371 25.21 -0.54 -5.27
N TYR A 372 25.91 0.60 -5.25
CA TYR A 372 26.15 1.34 -6.47
C TYR A 372 27.67 1.58 -6.65
N TYR A 373 28.27 0.83 -7.57
CA TYR A 373 29.72 0.70 -7.64
C TYR A 373 30.29 1.81 -8.49
N PHE A 374 31.35 2.42 -8.02
CA PHE A 374 31.98 3.53 -8.83
C PHE A 374 32.42 2.96 -10.17
N ALA A 375 32.66 1.64 -10.23
CA ALA A 375 33.03 1.05 -11.50
C ALA A 375 31.84 0.74 -12.42
N ALA A 376 30.59 0.95 -12.00
CA ALA A 376 29.43 0.83 -12.94
C ALA A 376 29.66 1.68 -14.15
N ARG A 377 29.25 1.16 -15.30
CA ARG A 377 29.46 1.85 -16.57
C ARG A 377 28.90 3.28 -16.52
N THR A 378 27.75 3.50 -15.89
CA THR A 378 27.10 4.82 -15.96
C THR A 378 27.14 5.48 -14.60
N PHE A 379 28.10 5.10 -13.76
CA PHE A 379 28.18 5.64 -12.43
C PHE A 379 28.17 7.14 -12.45
N ASP A 380 27.31 7.71 -11.63
CA ASP A 380 27.22 9.15 -11.44
C ASP A 380 26.74 9.41 -10.03
N PRO A 381 27.55 10.11 -9.22
CA PRO A 381 27.11 10.55 -7.87
C PRO A 381 25.80 11.36 -7.82
N ARG A 382 25.36 12.01 -8.90
CA ARG A 382 24.06 12.63 -8.83
C ARG A 382 22.92 11.60 -8.52
N ASN A 383 23.14 10.28 -8.77
CA ASN A 383 22.06 9.24 -8.57
C ASN A 383 22.16 8.63 -7.19
N ALA A 384 23.21 8.97 -6.48
CA ALA A 384 23.46 8.40 -5.14
C ALA A 384 22.70 9.05 -3.98
N ILE A 385 22.53 8.26 -2.92
CA ILE A 385 22.01 8.73 -1.60
C ILE A 385 22.85 9.92 -1.11
N ARG A 386 22.18 10.93 -0.52
CA ARG A 386 22.84 11.86 0.38
C ARG A 386 22.26 11.69 1.75
N LEU A 387 23.12 11.58 2.76
CA LEU A 387 22.64 11.43 4.12
C LEU A 387 22.01 12.74 4.58
N ALA A 388 21.36 12.73 5.75
CA ALA A 388 20.74 13.95 6.28
C ALA A 388 21.77 15.12 6.39
N ASP A 389 23.05 14.83 6.71
CA ASP A 389 24.11 15.87 6.70
C ASP A 389 24.69 16.16 5.33
N GLY A 390 24.14 15.55 4.28
CA GLY A 390 24.52 15.89 2.92
C GLY A 390 25.71 15.09 2.43
N THR A 391 26.28 14.23 3.25
CA THR A 391 27.40 13.41 2.73
C THR A 391 26.87 12.20 1.93
N MET A 392 27.68 11.76 0.95
CA MET A 392 27.46 10.58 0.14
C MET A 392 28.18 9.42 0.81
N PRO A 393 27.44 8.39 1.26
CA PRO A 393 28.20 7.33 1.92
C PRO A 393 29.00 6.49 0.94
N GLU A 394 30.03 5.83 1.44
CA GLU A 394 30.99 5.09 0.63
C GLU A 394 31.64 4.00 1.43
N HIS A 395 31.96 2.88 0.78
CA HIS A 395 32.81 1.84 1.42
C HIS A 395 33.34 0.95 0.31
N ALA A 396 34.20 0.00 0.63
CA ALA A 396 34.71 -0.88 -0.44
C ALA A 396 34.74 -2.33 0.07
N MET A 397 33.74 -2.68 0.86
CA MET A 397 33.67 -4.00 1.45
C MET A 397 33.55 -5.16 0.40
N TRP A 398 32.67 -5.01 -0.60
CA TRP A 398 32.35 -6.20 -1.44
C TRP A 398 33.26 -6.43 -2.63
N ALA A 399 32.93 -7.46 -3.44
CA ALA A 399 33.82 -7.89 -4.52
C ALA A 399 34.12 -6.78 -5.47
N GLY A 400 33.14 -5.93 -5.75
CA GLY A 400 33.29 -4.89 -6.80
C GLY A 400 34.03 -3.63 -6.37
N GLY A 401 34.39 -3.56 -5.10
CA GLY A 401 35.14 -2.44 -4.56
C GLY A 401 34.32 -1.24 -4.14
N ARG A 402 34.89 -0.06 -4.39
CA ARG A 402 34.35 1.22 -3.94
C ARG A 402 32.93 1.47 -4.38
N GLN A 403 32.06 1.77 -3.44
CA GLN A 403 30.69 1.96 -3.84
C GLN A 403 30.04 3.05 -3.02
N THR A 404 28.87 3.47 -3.49
CA THR A 404 27.94 4.24 -2.65
C THR A 404 26.62 3.47 -2.69
N TYR A 405 25.51 4.14 -2.40
CA TYR A 405 24.20 3.53 -2.59
C TYR A 405 23.35 4.25 -3.59
N LEU A 406 22.64 3.47 -4.38
CA LEU A 406 21.74 4.05 -5.32
C LEU A 406 20.45 4.46 -4.61
N CYS A 407 20.06 5.70 -4.86
CA CYS A 407 18.84 6.21 -4.21
C CYS A 407 17.60 5.39 -4.73
N ALA A 408 16.85 4.81 -3.82
CA ALA A 408 15.75 3.91 -4.22
C ALA A 408 14.66 4.61 -5.01
N GLU A 409 14.62 5.95 -4.95
CA GLU A 409 13.73 6.68 -5.83
C GLU A 409 13.91 6.26 -7.29
N LEU A 410 15.16 5.93 -7.63
CA LEU A 410 15.59 5.65 -9.01
C LEU A 410 15.68 4.15 -9.27
N ALA A 411 15.54 3.34 -8.24
CA ALA A 411 15.81 1.89 -8.40
C ALA A 411 14.78 1.28 -9.33
N PRO A 412 13.47 1.63 -9.19
CA PRO A 412 12.58 1.07 -10.20
C PRO A 412 12.92 1.37 -11.64
N ASP A 413 13.48 2.57 -11.93
CA ASP A 413 13.95 2.89 -13.26
C ASP A 413 15.02 1.87 -13.73
N TYR A 414 15.96 1.57 -12.87
CA TYR A 414 17.01 0.63 -13.22
C TYR A 414 16.48 -0.82 -13.34
N VAL A 415 15.53 -1.22 -12.48
CA VAL A 415 14.96 -2.59 -12.56
C VAL A 415 14.21 -2.80 -13.90
N ARG A 416 13.37 -1.84 -14.25
CA ARG A 416 12.70 -1.79 -15.55
C ARG A 416 13.66 -1.86 -16.72
N ARG A 417 14.73 -1.10 -16.67
CA ARG A 417 15.70 -1.13 -17.71
C ARG A 417 16.35 -2.53 -17.86
N ASN A 418 16.76 -3.15 -16.75
CA ASN A 418 17.68 -4.26 -16.86
C ASN A 418 16.80 -5.46 -17.20
N PHE A 419 15.66 -5.55 -16.57
CA PHE A 419 14.84 -6.75 -16.80
C PHE A 419 14.21 -6.74 -18.18
N SER A 420 13.84 -5.56 -18.67
CA SER A 420 13.35 -5.57 -20.03
C SER A 420 14.56 -5.97 -21.00
N GLU A 421 15.80 -5.57 -20.72
CA GLU A 421 16.96 -5.98 -21.53
C GLU A 421 17.10 -7.53 -21.53
N ILE A 422 17.12 -8.11 -20.36
CA ILE A 422 17.14 -9.58 -20.21
C ILE A 422 16.06 -10.21 -21.06
N ALA A 423 14.80 -9.80 -20.90
CA ALA A 423 13.70 -10.39 -21.64
C ALA A 423 13.86 -10.33 -23.17
N THR A 424 14.55 -9.35 -23.73
CA THR A 424 14.62 -9.26 -25.16
C THR A 424 15.55 -10.36 -25.74
N HIS A 425 16.20 -11.12 -24.88
CA HIS A 425 17.19 -12.11 -25.30
C HIS A 425 16.61 -13.52 -25.11
N GLY A 426 15.28 -13.64 -25.18
CA GLY A 426 14.59 -14.93 -25.02
C GLY A 426 14.77 -15.61 -23.67
N ILE A 427 15.24 -14.87 -22.66
CA ILE A 427 15.38 -15.35 -21.30
C ILE A 427 14.05 -15.09 -20.63
N VAL A 428 13.45 -16.14 -20.10
CA VAL A 428 12.17 -16.00 -19.41
C VAL A 428 12.29 -16.47 -18.00
N LEU A 429 12.49 -15.54 -17.08
CA LEU A 429 12.79 -15.91 -15.71
C LEU A 429 11.55 -16.35 -15.02
N ASP A 430 11.64 -17.39 -14.21
CA ASP A 430 10.57 -17.74 -13.37
C ASP A 430 10.55 -16.85 -12.17
N CYS A 431 11.74 -16.42 -11.72
CA CYS A 431 11.86 -15.66 -10.47
C CYS A 431 12.97 -14.67 -10.60
N ALA A 432 13.03 -13.72 -9.65
CA ALA A 432 14.22 -12.88 -9.51
C ALA A 432 14.45 -12.50 -8.05
N TYR A 433 15.74 -12.33 -7.75
CA TYR A 433 16.22 -11.99 -6.41
C TYR A 433 16.82 -10.58 -6.46
N LEU A 434 16.27 -9.66 -5.67
CA LEU A 434 16.84 -8.30 -5.55
C LEU A 434 17.41 -8.28 -4.18
N ASP A 435 18.71 -8.49 -4.14
CA ASP A 435 19.49 -8.60 -2.90
C ASP A 435 19.29 -7.43 -1.94
N VAL A 436 19.55 -7.69 -0.64
CA VAL A 436 19.56 -6.74 0.49
C VAL A 436 18.30 -5.97 0.86
N PHE A 437 17.40 -5.72 -0.10
CA PHE A 437 16.17 -4.92 0.13
C PHE A 437 15.46 -5.32 1.42
N THR A 438 15.31 -6.62 1.65
CA THR A 438 14.51 -7.09 2.81
C THR A 438 15.33 -7.54 3.98
N CYS A 439 16.62 -7.19 3.97
CA CYS A 439 17.49 -7.44 5.15
C CYS A 439 17.84 -6.11 5.78
N ASN A 440 18.43 -5.24 4.96
CA ASN A 440 18.96 -3.93 5.46
C ASN A 440 17.91 -2.84 5.56
N GLU A 441 18.19 -1.83 6.38
CA GLU A 441 17.25 -0.74 6.56
C GLU A 441 17.06 -0.01 5.23
N GLY A 442 15.89 0.61 5.14
CA GLY A 442 15.57 1.55 4.12
C GLY A 442 16.43 2.78 4.34
N ASP A 443 17.03 3.25 3.24
CA ASP A 443 17.78 4.50 3.24
C ASP A 443 16.90 5.76 3.31
N GLU A 444 17.48 6.86 3.81
CA GLU A 444 16.86 8.18 3.57
C GLU A 444 17.82 8.99 2.70
N CYS A 445 17.30 10.00 2.03
CA CYS A 445 18.10 10.78 1.08
C CYS A 445 17.63 12.20 1.07
N SER A 446 18.57 13.09 1.34
CA SER A 446 18.32 14.55 1.31
C SER A 446 18.67 15.18 -0.04
N HIS A 447 19.07 14.37 -1.02
CA HIS A 447 19.28 14.96 -2.34
C HIS A 447 18.01 15.66 -2.93
N PRO A 448 18.11 16.97 -3.30
CA PRO A 448 16.87 17.69 -3.74
C PRO A 448 16.18 17.07 -4.97
N GLU A 449 16.98 16.48 -5.82
CA GLU A 449 16.45 15.84 -7.01
C GLU A 449 15.80 14.51 -6.73
N HIS A 450 16.00 13.93 -5.53
CA HIS A 450 15.31 12.59 -5.25
C HIS A 450 15.25 12.33 -3.76
N ARG A 451 14.51 13.22 -3.11
CA ARG A 451 14.50 13.30 -1.66
C ARG A 451 13.71 12.11 -1.24
N MET A 452 14.09 11.45 -0.17
CA MET A 452 13.37 10.21 0.21
C MET A 452 13.47 9.94 1.68
N THR A 453 12.35 9.64 2.34
CA THR A 453 12.42 9.16 3.70
C THR A 453 12.57 7.63 3.75
N ARG A 454 12.94 7.10 4.91
CA ARG A 454 13.09 5.63 5.04
C ARG A 454 11.76 4.92 4.62
N ARG A 455 10.65 5.48 5.05
CA ARG A 455 9.36 4.95 4.72
C ARG A 455 9.13 4.89 3.21
N GLU A 456 9.48 5.98 2.50
CA GLU A 456 9.37 5.99 1.06
C GLU A 456 10.32 5.01 0.42
N CYS A 457 11.48 4.76 1.07
CA CYS A 457 12.46 3.81 0.51
C CYS A 457 11.82 2.40 0.44
N TYR A 458 11.18 1.97 1.52
CA TYR A 458 10.50 0.65 1.50
C TYR A 458 9.42 0.60 0.40
N GLU A 459 8.62 1.67 0.27
CA GLU A 459 7.71 1.77 -0.84
C GLU A 459 8.42 1.61 -2.17
N ARG A 460 9.50 2.31 -2.44
CA ARG A 460 10.23 2.14 -3.73
C ARG A 460 10.78 0.73 -3.96
N ARG A 461 11.24 0.08 -2.90
CA ARG A 461 11.77 -1.24 -3.01
C ARG A 461 10.57 -2.18 -3.33
N ALA A 462 9.42 -2.00 -2.70
CA ALA A 462 8.19 -2.74 -3.05
C ALA A 462 7.77 -2.49 -4.50
N GLU A 463 7.94 -1.25 -4.98
CA GLU A 463 7.68 -0.95 -6.37
C GLU A 463 8.53 -1.78 -7.37
N CYS A 464 9.79 -2.01 -7.03
CA CYS A 464 10.69 -2.88 -7.82
C CYS A 464 10.11 -4.30 -7.85
N PHE A 465 9.64 -4.76 -6.71
CA PHE A 465 9.07 -6.11 -6.64
C PHE A 465 7.81 -6.12 -7.51
N GLU A 466 7.03 -5.03 -7.46
CA GLU A 466 5.77 -5.01 -8.20
C GLU A 466 5.97 -5.10 -9.69
N TYR A 467 7.03 -4.48 -10.19
CA TYR A 467 7.35 -4.58 -11.56
C TYR A 467 7.50 -6.07 -11.98
N LEU A 468 8.22 -6.83 -11.17
CA LEU A 468 8.49 -8.23 -11.48
C LEU A 468 7.16 -9.05 -11.45
N LEU A 469 6.35 -8.86 -10.42
CA LEU A 469 5.13 -9.64 -10.27
C LEU A 469 4.12 -9.36 -11.41
N ALA A 470 4.07 -8.12 -11.84
CA ALA A 470 3.32 -7.71 -13.01
C ALA A 470 3.79 -8.46 -14.29
N HIS A 471 5.07 -8.79 -14.40
CA HIS A 471 5.55 -9.58 -15.52
C HIS A 471 5.55 -11.09 -15.27
N GLY A 472 4.85 -11.53 -14.25
CA GLY A 472 4.81 -12.93 -13.93
C GLY A 472 6.14 -13.49 -13.39
N ILE A 473 7.02 -12.63 -12.84
CA ILE A 473 8.30 -13.11 -12.28
C ILE A 473 8.18 -13.08 -10.75
N LEU A 474 8.27 -14.25 -10.10
CA LEU A 474 8.05 -14.29 -8.64
C LEU A 474 9.19 -13.54 -7.92
N THR A 475 8.92 -12.95 -6.77
CA THR A 475 9.93 -12.04 -6.15
C THR A 475 10.60 -12.69 -4.96
N SER A 476 11.93 -12.52 -4.86
CA SER A 476 12.69 -12.89 -3.66
C SER A 476 13.68 -11.74 -3.31
N SER A 477 14.07 -11.71 -2.04
CA SER A 477 15.16 -10.88 -1.56
C SER A 477 15.78 -11.60 -0.36
N GLU A 478 16.77 -10.96 0.27
CA GLU A 478 17.62 -11.59 1.27
C GLU A 478 16.87 -12.24 2.42
N GLU A 479 16.13 -11.45 3.18
CA GLU A 479 15.36 -11.99 4.32
C GLU A 479 13.90 -11.59 4.21
N VAL A 480 13.21 -11.37 5.32
CA VAL A 480 11.74 -11.21 5.25
C VAL A 480 11.16 -10.04 6.06
N SER A 481 11.92 -8.95 6.23
CA SER A 481 11.45 -7.82 7.00
C SER A 481 10.05 -7.41 6.52
N ASP A 482 9.11 -7.30 7.46
CA ASP A 482 7.68 -7.44 7.10
C ASP A 482 7.05 -6.24 6.32
N TRP A 483 7.79 -5.13 6.17
CA TRP A 483 7.35 -4.15 5.20
C TRP A 483 7.07 -4.83 3.86
N ALA A 484 7.85 -5.85 3.53
CA ALA A 484 7.81 -6.42 2.23
C ALA A 484 6.72 -7.48 1.99
N VAL A 485 6.03 -7.93 3.04
CA VAL A 485 5.12 -9.08 2.89
C VAL A 485 4.10 -8.86 1.73
N PRO A 486 3.52 -7.65 1.58
CA PRO A 486 2.59 -7.53 0.43
C PRO A 486 3.17 -7.82 -0.95
N SER A 487 4.48 -7.68 -1.13
CA SER A 487 5.01 -7.74 -2.51
C SER A 487 6.11 -8.82 -2.67
N LEU A 488 6.28 -9.68 -1.66
CA LEU A 488 7.41 -10.61 -1.67
C LEU A 488 6.87 -12.02 -1.66
N VAL A 489 7.33 -12.84 -2.59
CA VAL A 489 6.87 -14.25 -2.60
C VAL A 489 7.77 -15.13 -1.75
N PHE A 490 9.08 -14.96 -1.93
CA PHE A 490 9.99 -15.77 -1.15
C PHE A 490 11.32 -15.08 -0.83
N CYS A 491 12.19 -15.82 -0.13
CA CYS A 491 13.50 -15.28 0.32
C CYS A 491 14.69 -16.17 0.12
N HIS A 492 15.86 -15.66 0.53
CA HIS A 492 17.07 -16.48 0.49
C HIS A 492 17.00 -17.36 1.75
N TYR A 493 16.46 -16.82 2.86
CA TYR A 493 16.15 -17.58 4.08
C TYR A 493 15.47 -16.64 5.03
N ALA A 494 14.97 -17.23 6.08
CA ALA A 494 14.42 -16.51 7.17
C ALA A 494 14.91 -17.24 8.45
N PRO A 495 16.24 -17.24 8.64
CA PRO A 495 16.89 -18.08 9.63
C PRO A 495 16.70 -17.54 11.02
N TYR A 496 16.99 -18.42 12.00
CA TYR A 496 17.12 -18.00 13.40
C TYR A 496 18.43 -17.21 13.51
N ASP A 497 18.49 -16.24 14.43
CA ASP A 497 19.79 -15.53 14.68
C ASP A 497 21.01 -16.50 14.89
N PHE A 498 20.79 -17.58 15.65
CA PHE A 498 21.89 -18.54 15.99
C PHE A 498 22.42 -19.21 14.76
N GLN A 499 21.60 -19.37 13.71
CA GLN A 499 22.12 -19.96 12.45
C GLN A 499 23.04 -19.06 11.67
N MET A 500 23.01 -17.77 12.04
CA MET A 500 23.86 -16.75 11.40
C MET A 500 25.15 -16.47 12.19
N ARG A 501 25.38 -17.21 13.28
CA ARG A 501 26.60 -17.08 14.09
C ARG A 501 27.29 -18.46 14.15
N SER A 502 28.58 -18.51 14.52
CA SER A 502 29.22 -19.81 14.78
C SER A 502 28.33 -20.69 15.67
N PRO A 503 28.22 -22.01 15.36
CA PRO A 503 27.56 -22.95 16.32
C PRO A 503 28.22 -23.01 17.72
N ASP A 504 29.47 -22.56 17.82
CA ASP A 504 30.16 -22.38 19.10
C ASP A 504 29.71 -21.21 19.93
N ALA A 505 29.03 -20.22 19.33
CA ALA A 505 28.72 -19.01 20.07
C ALA A 505 27.48 -19.25 20.91
N PRO A 506 27.50 -18.87 22.20
CA PRO A 506 26.26 -19.04 22.99
C PRO A 506 25.08 -18.32 22.37
N ARG A 507 23.91 -18.91 22.55
CA ARG A 507 22.71 -18.33 21.98
C ARG A 507 22.12 -17.29 22.89
N HIS A 508 21.16 -16.54 22.36
CA HIS A 508 20.55 -15.45 23.11
C HIS A 508 19.27 -15.90 23.73
N GLY A 509 18.82 -17.10 23.37
CA GLY A 509 17.54 -17.58 23.94
C GLY A 509 17.13 -18.87 23.29
N ILE A 510 15.87 -19.21 23.51
CA ILE A 510 15.30 -20.40 22.88
C ILE A 510 14.78 -20.03 21.46
N PRO A 511 15.16 -20.79 20.42
CA PRO A 511 14.57 -20.49 19.10
C PRO A 511 13.05 -20.82 18.98
N VAL A 512 12.24 -19.83 18.65
CA VAL A 512 10.82 -20.04 18.30
C VAL A 512 10.40 -19.33 16.99
N PRO A 513 9.52 -19.96 16.19
CA PRO A 513 9.20 -19.36 14.90
C PRO A 513 8.18 -18.22 15.05
N LEU A 514 8.61 -17.12 15.67
CA LEU A 514 7.70 -15.95 15.80
C LEU A 514 7.22 -15.48 14.41
N TYR A 515 8.12 -15.44 13.45
CA TYR A 515 7.75 -14.84 12.13
C TYR A 515 6.71 -15.73 11.42
N ASN A 516 6.96 -17.05 11.42
CA ASN A 516 6.02 -18.04 10.82
C ASN A 516 4.68 -18.17 11.54
N LEU A 517 4.66 -17.96 12.83
CA LEU A 517 3.41 -17.89 13.57
C LEU A 517 2.55 -16.72 13.06
N VAL A 518 3.21 -15.67 12.53
CA VAL A 518 2.49 -14.57 11.89
C VAL A 518 2.30 -14.82 10.39
N TYR A 519 3.33 -15.31 9.70
CA TYR A 519 3.40 -15.11 8.23
C TYR A 519 3.67 -16.35 7.37
N HIS A 520 3.62 -17.57 7.94
CA HIS A 520 3.94 -18.79 7.14
C HIS A 520 3.12 -18.93 5.86
N ASP A 521 1.86 -18.49 5.91
CA ASP A 521 1.00 -18.57 4.74
C ASP A 521 1.16 -17.39 3.79
N CYS A 522 2.17 -16.53 4.04
CA CYS A 522 2.40 -15.35 3.18
C CYS A 522 3.73 -15.29 2.45
N VAL A 523 4.73 -15.96 3.00
CA VAL A 523 6.05 -15.87 2.39
C VAL A 523 6.73 -17.22 2.45
N ILE A 524 7.19 -17.65 1.29
CA ILE A 524 7.86 -18.93 1.19
C ILE A 524 9.34 -18.79 1.62
N GLN A 525 9.84 -19.74 2.44
CA GLN A 525 11.23 -19.71 2.92
C GLN A 525 11.92 -21.05 2.74
N PRO A 526 13.09 -21.04 2.04
CA PRO A 526 14.02 -22.16 2.14
C PRO A 526 14.85 -22.11 3.46
N TRP A 527 15.45 -23.26 3.79
CA TRP A 527 16.04 -23.42 5.10
C TRP A 527 17.35 -24.19 5.00
N MET A 528 18.31 -23.78 5.83
CA MET A 528 19.65 -24.40 5.88
C MET A 528 19.48 -25.87 6.26
N MET A 529 20.23 -26.75 5.59
CA MET A 529 20.13 -28.20 5.83
C MET A 529 21.35 -28.77 6.62
N ASP A 530 22.25 -27.88 7.05
CA ASP A 530 23.48 -28.21 7.73
C ASP A 530 23.29 -28.99 9.05
N ARG A 531 24.30 -29.77 9.40
CA ARG A 531 24.37 -30.48 10.70
C ARG A 531 25.58 -29.99 11.53
N VAL A 532 25.35 -29.61 12.78
CA VAL A 532 26.44 -29.19 13.67
C VAL A 532 26.99 -30.50 14.32
N ALA A 533 28.28 -30.77 14.10
CA ALA A 533 29.01 -31.81 14.84
C ALA A 533 28.85 -31.62 16.34
N GLY A 534 28.24 -32.60 17.00
CA GLY A 534 27.99 -32.51 18.44
C GLY A 534 26.80 -31.64 18.80
N GLY A 535 26.09 -31.16 17.77
CA GLY A 535 24.95 -30.28 17.97
C GLY A 535 23.82 -30.56 17.01
N ASP A 536 23.07 -29.48 16.73
CA ASP A 536 21.77 -29.62 16.07
C ASP A 536 21.89 -29.96 14.61
N ASP A 537 20.94 -30.78 14.16
CA ASP A 537 20.67 -30.98 12.75
C ASP A 537 19.66 -29.87 12.26
N TYR A 538 20.10 -29.00 11.36
CA TYR A 538 19.27 -27.82 11.01
C TYR A 538 18.04 -28.22 10.22
N MET A 539 18.09 -29.37 9.54
CA MET A 539 16.89 -30.02 9.03
C MET A 539 15.67 -29.91 9.92
N LEU A 540 15.86 -30.12 11.22
CA LEU A 540 14.75 -30.10 12.17
C LEU A 540 14.03 -28.76 12.27
N TYR A 541 14.79 -27.65 12.20
CA TYR A 541 14.18 -26.31 12.20
C TYR A 541 13.46 -26.09 10.87
N ALA A 542 14.01 -26.61 9.76
CA ALA A 542 13.30 -26.57 8.48
C ALA A 542 11.88 -27.20 8.58
N LEU A 543 11.78 -28.33 9.31
CA LEU A 543 10.49 -29.03 9.54
C LEU A 543 9.55 -28.33 10.49
N LEU A 544 10.07 -27.81 11.61
CA LEU A 544 9.24 -27.01 12.49
C LEU A 544 8.61 -25.76 11.81
N ASN A 545 9.34 -25.17 10.85
CA ASN A 545 8.93 -23.97 10.13
C ASN A 545 8.21 -24.33 8.86
N GLY A 546 8.16 -25.62 8.51
CA GLY A 546 7.34 -26.05 7.39
C GLY A 546 7.79 -25.38 6.11
N GLY A 547 9.10 -25.41 5.89
CA GLY A 547 9.73 -24.69 4.77
C GLY A 547 10.32 -25.59 3.73
N ALA A 548 10.91 -24.98 2.70
CA ALA A 548 11.65 -25.74 1.68
C ALA A 548 13.10 -26.06 2.13
N PRO A 549 13.72 -27.11 1.54
CA PRO A 549 15.15 -27.38 1.83
C PRO A 549 16.12 -26.82 0.78
N TYR A 550 17.25 -26.33 1.26
CA TYR A 550 18.46 -26.13 0.43
C TYR A 550 19.10 -27.50 0.15
N LEU A 551 19.14 -27.88 -1.11
CA LEU A 551 20.01 -28.92 -1.56
C LEU A 551 21.45 -28.44 -1.72
N ILE A 552 21.68 -27.44 -2.56
CA ILE A 552 23.02 -26.80 -2.64
C ILE A 552 22.95 -25.32 -2.20
N ARG A 553 23.87 -24.93 -1.33
CA ARG A 553 23.95 -23.57 -0.88
C ARG A 553 25.41 -23.18 -0.86
N ASP A 554 25.96 -22.82 -1.99
CA ASP A 554 27.33 -22.28 -2.07
C ASP A 554 27.40 -20.82 -1.54
N ALA A 555 28.37 -20.56 -0.66
CA ALA A 555 28.62 -19.21 -0.12
C ALA A 555 29.19 -18.33 -1.22
N ALA A 556 28.75 -17.08 -1.25
CA ALA A 556 29.32 -16.08 -2.13
C ALA A 556 30.75 -15.72 -1.69
N TYR A 557 30.91 -15.51 -0.38
CA TYR A 557 32.19 -15.13 0.25
C TYR A 557 32.33 -16.13 1.39
N ALA A 558 33.49 -16.77 1.53
CA ALA A 558 33.67 -17.68 2.68
C ALA A 558 33.47 -16.90 3.99
N GLY A 559 32.76 -17.51 4.93
CA GLY A 559 32.50 -16.92 6.23
C GLY A 559 31.24 -16.08 6.33
N MET A 560 30.59 -15.81 5.20
CA MET A 560 29.40 -14.92 5.15
C MET A 560 28.11 -15.73 4.92
N ASP A 561 26.97 -15.15 5.30
CA ASP A 561 25.63 -15.63 4.84
C ASP A 561 25.25 -17.00 5.47
N GLY A 562 25.48 -17.11 6.79
CA GLY A 562 25.43 -18.38 7.54
C GLY A 562 26.27 -19.49 6.91
N ASP A 563 27.53 -19.19 6.59
CA ASP A 563 28.49 -20.22 6.12
C ASP A 563 29.18 -20.82 7.37
N MET A 564 28.74 -22.01 7.78
CA MET A 564 29.29 -22.74 8.95
C MET A 564 30.80 -23.09 8.94
N THR A 572 27.31 -35.17 6.77
CA THR A 572 26.01 -35.53 6.14
C THR A 572 26.07 -36.03 4.66
N GLU A 573 25.52 -37.23 4.36
CA GLU A 573 25.60 -37.86 2.99
C GLU A 573 24.24 -38.20 2.24
N ASN A 574 23.13 -38.21 2.92
CA ASN A 574 21.88 -38.50 2.24
C ASN A 574 21.13 -37.20 1.82
N ASP A 575 21.81 -36.26 1.14
CA ASP A 575 21.23 -34.90 0.91
C ASP A 575 19.89 -34.93 0.20
N ILE A 576 19.86 -35.64 -0.93
CA ILE A 576 18.65 -35.83 -1.73
C ILE A 576 17.52 -36.47 -0.94
N GLU A 577 17.87 -37.38 -0.02
CA GLU A 577 16.86 -38.02 0.80
C GLU A 577 16.32 -37.08 1.85
N ARG A 578 17.23 -36.42 2.59
CA ARG A 578 16.83 -35.44 3.59
C ARG A 578 15.97 -34.35 2.91
N CYS A 579 16.31 -33.96 1.66
CA CYS A 579 15.52 -32.89 1.02
C CYS A 579 14.10 -33.34 0.78
N ALA A 580 13.96 -34.55 0.23
CA ALA A 580 12.70 -35.22 -0.07
C ALA A 580 11.74 -35.26 1.12
N VAL A 581 12.23 -35.54 2.30
CA VAL A 581 11.38 -35.49 3.48
C VAL A 581 10.89 -34.03 3.70
N VAL A 582 11.80 -33.05 3.71
CA VAL A 582 11.39 -31.62 3.89
C VAL A 582 10.41 -31.11 2.83
N ALA A 583 10.74 -31.36 1.57
CA ALA A 583 9.96 -30.93 0.43
C ALA A 583 8.59 -31.58 0.43
N GLY A 584 8.56 -32.84 0.91
CA GLY A 584 7.32 -33.59 0.96
C GLY A 584 6.32 -32.85 1.86
N LEU A 585 6.78 -32.54 3.06
CA LEU A 585 6.01 -31.68 3.96
C LEU A 585 5.60 -30.31 3.37
N HIS A 586 6.58 -29.68 2.72
CA HIS A 586 6.41 -28.32 2.17
C HIS A 586 5.32 -28.32 1.16
N ARG A 587 5.36 -29.29 0.27
CA ARG A 587 4.29 -29.52 -0.73
C ARG A 587 2.92 -29.63 -0.08
N ARG A 588 2.83 -30.18 1.13
CA ARG A 588 1.55 -30.23 1.85
C ARG A 588 1.12 -28.91 2.57
N VAL A 589 1.99 -28.37 3.44
CA VAL A 589 1.67 -27.21 4.31
C VAL A 589 2.28 -25.84 3.85
N GLY A 590 2.84 -25.81 2.65
CA GLY A 590 3.56 -24.62 2.14
C GLY A 590 2.70 -23.38 2.10
N MET A 591 1.38 -23.56 1.92
CA MET A 591 0.45 -22.43 1.83
C MET A 591 -0.44 -22.19 3.02
N GLN A 592 -0.18 -22.92 4.12
CA GLN A 592 -1.06 -22.91 5.28
C GLN A 592 -0.52 -22.08 6.38
N GLU A 593 -1.42 -21.60 7.24
CA GLU A 593 -1.08 -20.94 8.47
C GLU A 593 -0.28 -21.92 9.33
N LEU A 594 0.70 -21.37 10.05
CA LEU A 594 1.29 -22.09 11.16
C LEU A 594 0.51 -21.66 12.39
N VAL A 595 -0.29 -22.60 12.88
CA VAL A 595 -1.40 -22.27 13.79
C VAL A 595 -0.90 -22.14 15.21
N ARG A 596 -0.03 -23.07 15.60
CA ARG A 596 0.46 -23.23 16.98
C ARG A 596 1.94 -23.65 16.95
N HIS A 597 2.70 -23.15 17.94
CA HIS A 597 3.98 -23.74 18.23
C HIS A 597 4.11 -23.86 19.76
N ASP A 598 4.60 -25.03 20.16
CA ASP A 598 4.69 -25.36 21.58
C ASP A 598 6.06 -25.98 21.95
N LEU A 599 6.53 -25.62 23.14
CA LEU A 599 7.56 -26.33 23.83
C LEU A 599 6.82 -27.45 24.59
N VAL A 600 6.96 -28.70 24.13
CA VAL A 600 6.22 -29.86 24.70
C VAL A 600 6.68 -30.06 26.12
N GLY A 601 5.73 -30.02 27.05
CA GLY A 601 5.97 -30.11 28.49
C GLY A 601 6.76 -28.95 29.06
N GLY A 602 6.88 -27.86 28.30
CA GLY A 602 7.75 -26.78 28.71
C GLY A 602 9.23 -27.01 28.43
N ASP A 603 9.58 -28.17 27.89
CA ASP A 603 10.95 -28.46 27.52
C ASP A 603 11.35 -27.74 26.21
N PRO A 604 12.30 -26.77 26.29
CA PRO A 604 12.76 -26.03 25.06
C PRO A 604 13.26 -26.97 23.99
N LEU A 605 13.81 -28.11 24.44
CA LEU A 605 14.45 -29.07 23.54
C LEU A 605 13.47 -30.03 22.90
N VAL A 606 12.17 -29.85 23.19
CA VAL A 606 11.15 -30.64 22.51
C VAL A 606 10.07 -29.70 22.04
N GLN A 607 9.92 -29.62 20.73
CA GLN A 607 9.12 -28.58 20.12
C GLN A 607 8.09 -29.14 19.15
N ARG A 608 6.88 -28.59 19.20
CA ARG A 608 5.88 -28.98 18.17
C ARG A 608 5.18 -27.81 17.44
N SER A 609 5.06 -27.93 16.11
CA SER A 609 4.39 -26.97 15.23
C SER A 609 3.16 -27.64 14.65
N VAL A 610 2.05 -26.91 14.61
CA VAL A 610 0.82 -27.44 14.01
C VAL A 610 0.30 -26.51 12.95
N PHE A 611 0.03 -27.09 11.79
CA PHE A 611 -0.42 -26.37 10.62
C PHE A 611 -1.95 -26.39 10.47
N ALA A 612 -2.48 -25.55 9.58
CA ALA A 612 -3.92 -25.34 9.40
C ALA A 612 -4.67 -26.66 9.14
N ASP A 613 -4.08 -27.54 8.36
CA ASP A 613 -4.72 -28.81 8.00
C ASP A 613 -4.52 -29.90 9.05
N GLY A 614 -4.11 -29.49 10.25
CA GLY A 614 -3.87 -30.38 11.38
C GLY A 614 -2.49 -31.05 11.43
N THR A 615 -1.77 -31.16 10.30
CA THR A 615 -0.41 -31.79 10.29
C THR A 615 0.43 -31.29 11.49
N ALA A 616 1.13 -32.18 12.19
CA ALA A 616 1.89 -31.76 13.38
C ALA A 616 3.33 -32.26 13.27
N VAL A 617 4.28 -31.42 13.66
CA VAL A 617 5.72 -31.68 13.50
C VAL A 617 6.35 -31.55 14.88
N THR A 618 6.92 -32.66 15.34
CA THR A 618 7.58 -32.72 16.63
C THR A 618 9.04 -32.99 16.33
N CYS A 619 9.88 -32.19 17.00
CA CYS A 619 11.34 -32.30 16.87
C CYS A 619 11.96 -32.34 18.24
N ASP A 620 12.81 -33.34 18.39
CA ASP A 620 13.42 -33.67 19.67
C ASP A 620 14.89 -33.38 19.52
N PHE A 621 15.35 -32.36 20.26
CA PHE A 621 16.76 -31.91 20.19
C PHE A 621 17.70 -32.63 21.17
N HIS A 622 17.12 -33.40 22.11
CA HIS A 622 17.88 -34.42 22.89
C HIS A 622 18.31 -35.52 21.92
N ALA A 623 17.32 -36.15 21.28
CA ALA A 623 17.56 -37.29 20.41
C ALA A 623 18.03 -36.89 19.05
N GLN A 624 17.88 -35.60 18.70
CA GLN A 624 18.07 -35.14 17.28
C GLN A 624 17.18 -35.91 16.29
N THR A 625 15.89 -36.01 16.60
CA THR A 625 14.96 -36.75 15.74
C THR A 625 13.70 -35.94 15.44
N TYR A 626 13.01 -36.33 14.38
CA TYR A 626 11.71 -35.75 14.02
C TYR A 626 10.56 -36.72 13.72
N GLU A 627 9.35 -36.17 13.63
CA GLU A 627 8.13 -36.92 13.40
C GLU A 627 7.06 -36.00 12.78
N VAL A 628 6.64 -36.33 11.56
CA VAL A 628 5.58 -35.61 10.82
C VAL A 628 4.24 -36.39 10.82
N ALA A 629 3.33 -36.05 11.73
CA ALA A 629 1.99 -36.67 11.83
C ALA A 629 0.84 -35.79 11.35
N ALA A 630 -0.23 -36.42 10.71
CA ALA A 630 -1.46 -35.66 10.40
C ALA A 630 -2.52 -35.49 11.59
N ASN A 631 -2.23 -36.16 12.73
CA ASN A 631 -3.15 -36.20 13.92
C ASN A 631 -3.63 -34.78 14.36
N GLY A 632 -2.68 -33.89 14.67
CA GLY A 632 -2.98 -32.51 15.13
C GLY A 632 -2.35 -32.32 16.51
N MET B 1 15.84 24.55 -29.95
CA MET B 1 17.17 24.97 -29.38
C MET B 1 18.03 23.88 -28.65
N MET B 2 17.38 22.92 -27.95
CA MET B 2 18.01 21.65 -27.40
C MET B 2 17.19 20.49 -27.92
N GLN B 3 17.86 19.46 -28.46
CA GLN B 3 17.15 18.23 -28.88
C GLN B 3 17.85 16.94 -28.37
N PHE B 4 17.07 15.86 -28.28
CA PHE B 4 17.52 14.59 -27.74
C PHE B 4 16.69 13.60 -28.49
N THR B 5 17.33 12.50 -28.90
CA THR B 5 16.62 11.34 -29.42
C THR B 5 17.09 10.12 -28.65
N MET B 6 16.13 9.26 -28.37
CA MET B 6 16.43 8.10 -27.64
C MET B 6 15.29 7.16 -27.85
N SER B 7 15.63 5.92 -28.19
CA SER B 7 14.69 4.81 -28.17
C SER B 7 13.44 5.00 -29.03
N GLY B 8 13.62 5.62 -30.18
CA GLY B 8 12.49 5.90 -31.06
C GLY B 8 11.75 7.20 -30.77
N THR B 9 12.19 7.96 -29.75
CA THR B 9 11.47 9.12 -29.33
C THR B 9 12.40 10.27 -29.48
N MET B 10 11.85 11.37 -29.96
CA MET B 10 12.59 12.58 -30.05
C MET B 10 11.91 13.66 -29.19
N LEU B 11 12.74 14.49 -28.58
CA LEU B 11 12.35 15.49 -27.63
C LEU B 11 13.10 16.75 -28.00
N ARG B 12 12.34 17.82 -28.23
CA ARG B 12 12.88 19.11 -28.55
C ARG B 12 12.41 20.07 -27.49
N PHE B 13 13.32 20.92 -27.03
CA PHE B 13 13.03 21.88 -25.99
C PHE B 13 13.60 23.21 -26.43
N ASP B 14 12.69 24.19 -26.51
CA ASP B 14 13.11 25.55 -26.81
C ASP B 14 13.42 26.33 -25.53
N GLU B 15 14.65 26.78 -25.49
CA GLU B 15 15.32 27.26 -24.31
C GLU B 15 14.91 28.65 -23.83
N THR B 16 14.20 29.40 -24.69
CA THR B 16 13.81 30.77 -24.33
C THR B 16 12.31 30.78 -24.06
N THR B 17 11.53 30.26 -25.01
CA THR B 17 10.10 30.03 -24.81
C THR B 17 9.71 28.93 -23.78
N LEU B 18 10.64 28.03 -23.42
CA LEU B 18 10.28 26.84 -22.59
C LEU B 18 9.19 25.95 -23.25
N ARG B 19 9.02 26.07 -24.56
CA ARG B 19 8.21 25.13 -25.32
C ARG B 19 8.97 23.80 -25.50
N PHE B 20 8.26 22.70 -25.36
CA PHE B 20 8.86 21.49 -25.77
C PHE B 20 7.94 20.78 -26.73
N SER B 21 8.56 19.93 -27.54
CA SER B 21 7.85 19.12 -28.46
C SER B 21 8.31 17.69 -28.30
N PHE B 22 7.45 16.73 -28.59
CA PHE B 22 7.97 15.39 -28.74
C PHE B 22 7.34 14.54 -29.85
N SER B 23 8.11 13.56 -30.35
CA SER B 23 7.75 12.76 -31.53
C SER B 23 8.10 11.33 -31.37
N ARG B 24 7.27 10.51 -31.98
CA ARG B 24 7.50 9.10 -32.05
C ARG B 24 6.65 8.55 -33.20
N ASP B 25 7.26 7.65 -33.96
CA ASP B 25 6.59 6.99 -35.09
C ASP B 25 6.10 8.02 -36.12
N GLY B 26 6.84 9.12 -36.29
CA GLY B 26 6.45 10.17 -37.22
C GLY B 26 5.30 11.09 -36.86
N ALA B 27 4.76 10.98 -35.63
CA ALA B 27 3.80 11.97 -35.05
C ALA B 27 4.54 12.90 -34.08
N THR B 28 4.37 14.21 -34.25
CA THR B 28 4.92 15.22 -33.38
C THR B 28 3.79 15.88 -32.57
N TRP B 29 4.06 16.19 -31.29
CA TRP B 29 3.13 17.02 -30.48
C TRP B 29 3.89 18.18 -29.89
N SER B 30 3.24 19.35 -29.83
CA SER B 30 3.90 20.57 -29.41
C SER B 30 3.09 21.30 -28.34
N GLY B 31 3.81 21.95 -27.42
CA GLY B 31 3.18 22.89 -26.48
C GLY B 31 2.31 23.82 -27.31
N CYS B 32 1.13 24.14 -26.80
CA CYS B 32 0.34 25.29 -27.30
C CYS B 32 1.17 26.55 -27.35
N ASP B 33 0.90 27.34 -28.37
CA ASP B 33 1.66 28.54 -28.67
C ASP B 33 1.54 29.69 -27.66
N GLY B 34 0.33 30.14 -27.37
CA GLY B 34 0.16 31.21 -26.37
C GLY B 34 0.56 30.81 -24.94
N ILE B 35 0.32 29.55 -24.57
CA ILE B 35 0.26 29.12 -23.17
C ILE B 35 1.62 28.78 -22.56
N GLU B 36 2.06 29.59 -21.62
CA GLU B 36 3.25 29.31 -20.83
C GLU B 36 2.98 28.45 -19.56
N PRO B 37 4.01 27.76 -19.03
CA PRO B 37 3.81 27.14 -17.74
C PRO B 37 3.72 28.22 -16.65
N GLN B 38 2.72 28.07 -15.79
CA GLN B 38 2.33 29.13 -14.87
C GLN B 38 2.61 28.76 -13.43
N LEU B 39 3.24 29.69 -12.75
CA LEU B 39 3.34 29.69 -11.29
C LEU B 39 2.34 30.71 -10.68
N THR B 40 1.24 30.25 -10.09
CA THR B 40 0.22 31.16 -9.52
C THR B 40 0.31 31.40 -8.00
N ARG B 41 0.70 32.62 -7.60
CA ARG B 41 0.77 33.00 -6.17
C ARG B 41 -0.51 33.65 -5.72
N GLU B 42 -0.61 33.93 -4.40
CA GLU B 42 -1.80 34.56 -3.88
C GLU B 42 -1.92 35.95 -4.49
N ASP B 43 -0.85 36.73 -4.40
CA ASP B 43 -0.86 38.09 -4.95
C ASP B 43 -1.04 38.17 -6.50
N ARG B 44 -0.23 37.46 -7.27
CA ARG B 44 -0.33 37.57 -8.74
C ARG B 44 -0.16 36.22 -9.43
N SER B 45 0.47 36.24 -10.59
CA SER B 45 0.76 35.05 -11.33
C SER B 45 2.02 35.29 -12.15
N PHE B 46 2.87 34.27 -12.28
CA PHE B 46 4.10 34.37 -13.10
C PHE B 46 4.16 33.22 -14.07
N SER B 47 5.02 33.42 -15.05
CA SER B 47 5.38 32.43 -16.00
C SER B 47 6.75 31.97 -15.49
N PHE B 48 7.03 30.66 -15.66
CA PHE B 48 8.37 30.14 -15.24
C PHE B 48 9.42 31.01 -15.88
N ALA B 49 9.16 31.41 -17.14
CA ALA B 49 10.08 32.23 -17.96
C ALA B 49 10.40 33.59 -17.32
N GLY B 50 9.41 34.10 -16.61
CA GLY B 50 9.55 35.30 -15.80
C GLY B 50 10.39 35.21 -14.54
N ALA B 51 11.22 34.17 -14.37
CA ALA B 51 12.11 34.09 -13.21
C ALA B 51 13.31 34.96 -13.46
N ALA B 52 13.90 35.46 -12.37
CA ALA B 52 15.17 36.22 -12.39
C ALA B 52 16.30 35.43 -12.93
N THR B 53 16.40 34.17 -12.51
CA THR B 53 17.54 33.29 -12.90
C THR B 53 16.99 32.05 -13.58
N VAL B 54 17.55 31.73 -14.75
CA VAL B 54 17.16 30.53 -15.46
C VAL B 54 18.43 29.84 -15.95
N THR B 55 18.58 28.55 -15.68
CA THR B 55 19.67 27.75 -16.27
C THR B 55 19.09 26.51 -16.89
N HIS B 56 19.74 26.03 -17.96
CA HIS B 56 19.46 24.73 -18.59
C HIS B 56 20.72 23.93 -18.70
N GLU B 57 20.61 22.60 -18.54
CA GLU B 57 21.75 21.66 -18.51
C GLU B 57 21.30 20.42 -19.25
N ARG B 58 22.07 19.99 -20.25
CA ARG B 58 21.81 18.73 -20.94
C ARG B 58 22.20 17.65 -19.93
N ILE B 59 21.36 16.63 -19.76
CA ILE B 59 21.69 15.52 -18.80
C ILE B 59 21.67 14.17 -19.51
N GLU B 60 22.69 13.36 -19.31
CA GLU B 60 22.63 11.97 -19.73
C GLU B 60 22.80 11.07 -18.46
N THR B 61 21.86 10.13 -18.25
CA THR B 61 22.08 9.13 -17.13
C THR B 61 22.01 7.68 -17.62
N GLY B 62 22.18 6.72 -16.70
CA GLY B 62 21.97 5.31 -17.04
C GLY B 62 20.58 5.01 -17.55
N THR B 63 19.61 5.85 -17.18
CA THR B 63 18.24 5.58 -17.52
C THR B 63 17.61 6.49 -18.59
N GLY B 64 18.24 7.61 -18.90
CA GLY B 64 17.72 8.42 -20.00
C GLY B 64 18.52 9.66 -20.33
N VAL B 65 17.89 10.55 -21.11
CA VAL B 65 18.52 11.82 -21.52
C VAL B 65 17.47 12.91 -21.48
N GLY B 66 17.91 14.10 -21.12
CA GLY B 66 16.97 15.19 -21.08
C GLY B 66 17.60 16.49 -20.64
N VAL B 67 16.74 17.42 -20.22
CA VAL B 67 17.22 18.71 -19.74
C VAL B 67 16.65 19.04 -18.37
N ARG B 68 17.53 19.48 -17.48
CA ARG B 68 17.21 20.02 -16.20
C ARG B 68 17.34 21.56 -16.28
N SER B 69 16.26 22.26 -15.88
CA SER B 69 16.23 23.73 -15.76
C SER B 69 16.00 24.23 -14.31
N VAL B 70 16.80 25.21 -13.87
CA VAL B 70 16.61 25.86 -12.56
C VAL B 70 15.98 27.26 -12.73
N PHE B 71 14.90 27.50 -12.00
CA PHE B 71 14.19 28.79 -12.02
C PHE B 71 14.23 29.34 -10.59
N ALA B 72 14.92 30.47 -10.40
CA ALA B 72 14.96 31.20 -9.10
C ALA B 72 14.59 32.73 -9.15
N GLY B 73 13.85 33.22 -8.16
CA GLY B 73 13.57 34.70 -8.04
C GLY B 73 12.27 35.10 -8.72
N PHE B 74 11.29 35.47 -7.93
CA PHE B 74 9.97 35.77 -8.48
C PHE B 74 9.36 37.02 -7.82
N ALA B 75 9.62 38.16 -8.50
CA ALA B 75 9.22 39.51 -8.08
C ALA B 75 9.82 39.75 -6.71
N GLY B 76 11.14 39.62 -6.62
CA GLY B 76 11.86 39.82 -5.35
C GLY B 76 11.91 38.61 -4.41
N ALA B 77 10.87 37.75 -4.44
CA ALA B 77 10.76 36.53 -3.57
C ALA B 77 11.89 35.48 -3.79
N ASP B 78 12.28 34.81 -2.70
CA ASP B 78 13.32 33.75 -2.73
C ASP B 78 12.72 32.34 -3.08
N TYR B 79 11.88 32.29 -4.10
CA TYR B 79 11.26 31.06 -4.53
C TYR B 79 12.12 30.45 -5.63
N ALA B 80 12.49 29.17 -5.50
CA ALA B 80 13.25 28.44 -6.52
C ALA B 80 12.82 26.98 -6.71
N PHE B 81 12.85 26.53 -7.95
CA PHE B 81 12.44 25.20 -8.32
C PHE B 81 13.16 24.74 -9.58
N GLU B 82 12.98 23.46 -9.92
CA GLU B 82 13.70 22.87 -11.04
C GLU B 82 12.71 22.05 -11.87
N THR B 83 12.95 21.91 -13.15
CA THR B 83 12.23 20.92 -13.92
C THR B 83 13.23 19.97 -14.56
N TYR B 84 12.74 18.82 -15.00
CA TYR B 84 13.58 17.84 -15.59
C TYR B 84 12.63 17.19 -16.56
N ILE B 85 12.97 17.33 -17.84
CA ILE B 85 12.18 16.67 -18.86
C ILE B 85 13.12 15.69 -19.56
N TRP B 86 12.68 14.45 -19.67
CA TRP B 86 13.59 13.44 -20.21
C TRP B 86 12.93 12.26 -20.85
N ILE B 87 13.74 11.60 -21.68
CA ILE B 87 13.34 10.37 -22.36
C ILE B 87 13.89 9.18 -21.58
N GLU B 88 12.99 8.28 -21.20
CA GLU B 88 13.40 7.01 -20.58
C GLU B 88 13.94 6.02 -21.68
N ARG B 89 15.21 5.58 -21.55
CA ARG B 89 15.83 4.62 -22.52
C ARG B 89 15.01 3.38 -22.69
N SER B 90 14.53 2.84 -21.57
CA SER B 90 13.96 1.53 -21.63
C SER B 90 12.60 1.57 -22.32
N SER B 91 11.99 2.75 -22.47
CA SER B 91 10.61 2.75 -22.95
C SER B 91 10.37 3.76 -24.05
N GLY B 92 11.14 4.82 -24.14
CA GLY B 92 10.74 5.91 -25.04
C GLY B 92 9.65 6.87 -24.49
N ASP B 93 9.16 6.63 -23.27
CA ASP B 93 8.32 7.60 -22.53
C ASP B 93 9.07 8.89 -22.22
N VAL B 94 8.29 9.97 -22.05
CA VAL B 94 8.82 11.23 -21.68
C VAL B 94 8.35 11.52 -20.30
N LEU B 95 9.32 11.75 -19.41
CA LEU B 95 9.01 12.07 -18.04
C LEU B 95 9.18 13.56 -17.83
N CYS B 96 8.21 14.14 -17.08
CA CYS B 96 8.26 15.57 -16.61
C CYS B 96 8.20 15.70 -15.10
N GLU B 97 9.23 16.35 -14.55
CA GLU B 97 9.38 16.45 -13.12
C GLU B 97 9.47 17.91 -12.73
N TRP B 98 8.66 18.29 -11.75
CA TRP B 98 8.71 19.63 -11.14
C TRP B 98 9.22 19.47 -9.71
N VAL B 99 10.38 20.02 -9.43
CA VAL B 99 11.07 19.74 -8.20
C VAL B 99 11.26 21.03 -7.37
N PRO B 100 10.69 21.10 -6.15
CA PRO B 100 10.84 22.35 -5.38
C PRO B 100 12.20 22.41 -4.77
N LEU B 101 12.81 23.58 -4.73
CA LEU B 101 14.15 23.77 -4.19
C LEU B 101 14.18 24.74 -2.96
N ARG B 102 13.65 25.95 -3.11
CA ARG B 102 13.61 26.94 -2.00
C ARG B 102 12.19 27.47 -1.89
N GLU B 103 11.61 27.35 -0.71
CA GLU B 103 10.25 27.81 -0.46
C GLU B 103 10.30 28.67 0.80
N GLU B 107 6.23 33.73 2.88
CA GLU B 107 5.38 34.59 2.06
C GLU B 107 6.08 35.00 0.74
N PRO B 108 5.34 35.40 -0.33
CA PRO B 108 3.85 35.31 -0.45
C PRO B 108 3.44 33.89 -0.79
N ARG B 109 2.15 33.58 -0.59
CA ARG B 109 1.65 32.23 -0.80
C ARG B 109 1.88 31.69 -2.21
N ILE B 110 1.60 30.41 -2.38
CA ILE B 110 1.79 29.75 -3.66
C ILE B 110 0.57 28.85 -3.82
N ASP B 111 -0.25 29.11 -4.82
CA ASP B 111 -1.55 28.44 -4.91
C ASP B 111 -1.57 27.31 -5.87
N ARG B 112 -0.87 27.47 -7.00
CA ARG B 112 -1.04 26.54 -8.13
C ARG B 112 0.13 26.59 -9.06
N VAL B 113 0.53 25.41 -9.58
CA VAL B 113 1.54 25.35 -10.60
C VAL B 113 0.85 24.72 -11.82
N LEU B 114 0.91 25.40 -12.96
CA LEU B 114 0.19 24.90 -14.15
C LEU B 114 1.30 24.48 -15.07
N TRP B 115 1.52 23.17 -15.08
CA TRP B 115 2.67 22.57 -15.74
C TRP B 115 2.53 21.03 -15.76
N PRO B 116 3.04 20.37 -16.81
CA PRO B 116 3.52 21.06 -18.02
C PRO B 116 2.34 21.73 -18.82
N ALA B 117 2.72 22.56 -19.78
CA ALA B 117 1.76 23.30 -20.57
C ALA B 117 0.91 22.33 -21.40
N PRO B 118 -0.31 22.75 -21.77
CA PRO B 118 -1.12 21.85 -22.61
C PRO B 118 -0.47 21.67 -23.97
N LEU B 119 -0.73 20.53 -24.57
CA LEU B 119 -0.22 20.26 -25.93
C LEU B 119 -1.25 20.79 -26.97
N SER B 120 -0.75 21.18 -28.14
CA SER B 120 -1.58 21.67 -29.26
C SER B 120 -2.47 20.54 -29.78
N PHE B 121 -3.75 20.82 -29.94
CA PHE B 121 -4.69 19.82 -30.41
C PHE B 121 -5.86 20.60 -31.04
N ASP B 122 -5.51 21.37 -32.09
CA ASP B 122 -6.36 22.43 -32.68
C ASP B 122 -7.03 22.11 -34.01
N ARG B 123 -7.68 20.96 -34.15
CA ARG B 123 -8.26 20.57 -35.44
C ARG B 123 -9.71 20.09 -35.28
N ALA B 124 -10.64 20.57 -36.12
CA ALA B 124 -12.06 20.11 -36.09
C ALA B 124 -12.20 18.54 -36.15
N ASP B 125 -11.81 17.94 -37.28
CA ASP B 125 -11.59 16.47 -37.46
C ASP B 125 -12.65 15.47 -36.89
N ALA B 126 -13.49 15.96 -35.94
CA ALA B 126 -14.46 15.20 -35.10
C ALA B 126 -14.13 13.72 -34.69
N HIS B 127 -12.96 13.25 -35.15
CA HIS B 127 -12.46 11.94 -34.78
C HIS B 127 -11.13 12.18 -34.11
N ASP B 128 -10.71 13.45 -34.10
CA ASP B 128 -9.77 14.01 -33.14
C ASP B 128 -10.44 14.24 -31.80
N VAL B 129 -10.12 13.36 -30.84
CA VAL B 129 -10.84 13.32 -29.57
C VAL B 129 -9.97 13.50 -28.32
N THR B 130 -10.59 14.05 -27.28
CA THR B 130 -10.00 14.13 -25.96
C THR B 130 -10.67 13.20 -24.95
N LEU B 131 -9.87 12.48 -24.15
CA LEU B 131 -10.44 11.59 -23.10
C LEU B 131 -10.22 12.17 -21.70
N ILE B 132 -11.25 12.25 -20.88
CA ILE B 132 -11.05 12.76 -19.50
C ILE B 132 -11.74 11.84 -18.58
N THR B 133 -11.23 11.76 -17.33
CA THR B 133 -11.75 10.75 -16.35
C THR B 133 -12.83 11.34 -15.40
N HIS B 134 -13.50 12.42 -15.84
CA HIS B 134 -14.62 12.94 -15.07
C HIS B 134 -15.69 11.85 -15.06
N GLU B 135 -15.82 11.21 -13.92
CA GLU B 135 -16.65 10.03 -13.79
C GLU B 135 -16.37 8.92 -14.86
N GLN B 136 -17.30 7.99 -15.08
CA GLN B 136 -17.01 6.78 -15.91
C GLN B 136 -16.20 7.04 -17.14
N GLY B 137 -16.49 8.13 -17.87
CA GLY B 137 -15.62 8.57 -19.00
C GLY B 137 -16.31 9.45 -20.04
N VAL B 138 -15.56 10.37 -20.59
CA VAL B 138 -16.04 11.30 -21.61
C VAL B 138 -15.04 11.27 -22.75
N MET B 139 -15.54 11.04 -23.97
CA MET B 139 -14.79 11.30 -25.21
C MET B 139 -15.35 12.57 -25.85
N ILE B 140 -14.48 13.58 -25.93
CA ILE B 140 -14.87 14.89 -26.37
C ILE B 140 -14.22 15.18 -27.71
N PRO B 141 -15.02 15.10 -28.83
CA PRO B 141 -14.54 15.45 -30.19
C PRO B 141 -14.19 16.90 -30.21
N ASN B 142 -13.18 17.27 -30.95
CA ASN B 142 -12.79 18.69 -31.08
C ASN B 142 -13.85 19.65 -31.67
N SER B 143 -14.88 19.05 -32.27
CA SER B 143 -15.96 19.81 -32.91
C SER B 143 -17.19 19.91 -31.99
N TRP B 144 -17.21 19.12 -30.90
CA TRP B 144 -18.31 19.16 -29.93
C TRP B 144 -18.89 20.58 -29.66
N PRO B 145 -20.20 20.72 -29.84
CA PRO B 145 -20.88 22.04 -29.84
C PRO B 145 -20.90 22.68 -28.45
N THR B 146 -21.34 21.92 -27.45
CA THR B 146 -21.23 22.29 -26.02
C THR B 146 -19.80 22.61 -25.55
N GLU B 147 -19.66 23.75 -24.88
CA GLU B 147 -18.42 24.18 -24.28
C GLU B 147 -18.05 23.26 -23.09
N VAL B 148 -16.77 22.89 -22.96
CA VAL B 148 -16.29 22.16 -21.77
C VAL B 148 -15.06 22.84 -21.10
N GLY B 149 -15.28 23.39 -19.90
CA GLY B 149 -14.26 24.09 -19.07
C GLY B 149 -14.09 23.40 -17.72
N THR B 150 -13.03 23.75 -16.99
CA THR B 150 -12.75 23.13 -15.67
C THR B 150 -13.90 23.37 -14.69
N ASP B 151 -14.34 24.63 -14.67
CA ASP B 151 -15.51 25.03 -13.88
C ASP B 151 -16.74 24.10 -14.05
N ALA B 152 -16.79 23.34 -15.14
CA ALA B 152 -17.89 22.43 -15.40
C ALA B 152 -17.58 20.96 -15.00
N VAL B 153 -16.39 20.70 -14.52
CA VAL B 153 -16.00 19.36 -14.03
C VAL B 153 -16.02 19.31 -12.50
N SER B 154 -16.56 18.22 -11.93
CA SER B 154 -16.58 18.09 -10.47
C SER B 154 -15.21 18.31 -9.85
N PHE B 155 -15.22 19.03 -8.74
CA PHE B 155 -14.04 19.22 -7.90
C PHE B 155 -12.97 19.93 -8.63
N GLY B 156 -13.33 20.65 -9.70
CA GLY B 156 -12.33 21.42 -10.42
C GLY B 156 -11.24 20.55 -11.07
N GLY B 157 -11.57 19.33 -11.50
CA GLY B 157 -10.60 18.49 -12.22
C GLY B 157 -9.61 17.77 -11.27
N ARG B 158 -9.92 17.71 -9.97
CA ARG B 158 -9.04 17.04 -9.00
C ARG B 158 -8.95 15.56 -9.24
N PHE B 159 -7.72 15.08 -9.33
CA PHE B 159 -7.50 13.65 -9.30
C PHE B 159 -7.91 13.04 -7.96
N GLU B 160 -8.17 11.72 -7.97
CA GLU B 160 -8.60 11.05 -6.75
C GLU B 160 -9.97 11.54 -6.22
N THR B 161 -10.78 12.11 -7.14
CA THR B 161 -12.20 12.42 -6.87
C THR B 161 -13.09 12.07 -8.08
N ALA B 162 -14.40 12.34 -7.93
CA ALA B 162 -15.39 12.21 -9.04
C ALA B 162 -15.02 13.00 -10.28
N GLY B 163 -14.17 14.02 -10.13
CA GLY B 163 -13.75 14.85 -11.26
C GLY B 163 -12.62 14.22 -12.05
N GLY B 164 -11.97 13.21 -11.46
CA GLY B 164 -10.73 12.58 -12.02
C GLY B 164 -10.63 11.20 -11.41
N TYR B 165 -11.44 10.26 -11.90
CA TYR B 165 -11.44 8.91 -11.33
C TYR B 165 -10.03 8.27 -11.35
N MET B 166 -9.28 8.63 -12.37
CA MET B 166 -7.97 8.02 -12.64
C MET B 166 -7.13 9.20 -12.96
N PRO B 167 -5.85 9.20 -12.53
CA PRO B 167 -4.90 10.31 -12.66
C PRO B 167 -4.27 10.38 -14.05
N TRP B 168 -5.11 10.44 -15.09
CA TRP B 168 -4.61 10.69 -16.44
C TRP B 168 -5.62 11.43 -17.33
N PHE B 169 -5.10 12.02 -18.40
CA PHE B 169 -5.94 12.35 -19.56
C PHE B 169 -5.22 11.91 -20.85
N ALA B 170 -5.95 11.93 -21.99
CA ALA B 170 -5.38 11.48 -23.27
C ALA B 170 -6.03 12.24 -24.41
N GLN B 171 -5.26 12.42 -25.49
CA GLN B 171 -5.75 12.94 -26.81
C GLN B 171 -5.38 12.00 -27.99
N LEU B 172 -6.37 11.74 -28.83
CA LEU B 172 -6.32 10.68 -29.89
C LEU B 172 -6.73 11.31 -31.22
N ARG B 173 -5.76 11.52 -32.09
CA ARG B 173 -5.98 11.94 -33.49
C ARG B 173 -6.71 10.88 -34.32
N SER B 174 -7.44 11.33 -35.36
CA SER B 174 -8.15 10.42 -36.31
C SER B 174 -7.23 9.41 -36.97
N ASP B 175 -5.97 9.77 -37.19
CA ASP B 175 -5.00 8.76 -37.67
C ASP B 175 -4.60 7.62 -36.68
N GLY B 176 -5.12 7.59 -35.43
CA GLY B 176 -4.75 6.54 -34.42
C GLY B 176 -3.43 6.80 -33.66
N HIS B 177 -2.83 7.96 -33.93
CA HIS B 177 -1.80 8.52 -33.10
C HIS B 177 -2.41 9.25 -31.91
N ALA B 178 -1.82 9.05 -30.74
CA ALA B 178 -2.36 9.53 -29.48
C ALA B 178 -1.22 9.70 -28.48
N TYR B 179 -1.51 10.40 -27.39
CA TYR B 179 -0.69 10.35 -26.17
C TYR B 179 -1.59 10.16 -24.93
N ILE B 180 -1.05 9.50 -23.91
CA ILE B 180 -1.66 9.51 -22.60
C ILE B 180 -0.68 10.25 -21.65
N ALA B 181 -1.21 11.18 -20.85
CA ALA B 181 -0.39 11.81 -19.82
C ALA B 181 -0.83 11.25 -18.46
N ILE B 182 0.11 10.56 -17.78
CA ILE B 182 -0.18 9.95 -16.49
C ILE B 182 0.46 10.78 -15.36
N CYS B 183 -0.36 11.23 -14.41
CA CYS B 183 0.15 11.95 -13.24
C CYS B 183 0.66 10.93 -12.23
N GLU B 184 1.96 10.75 -12.08
CA GLU B 184 2.47 9.77 -11.09
C GLU B 184 2.40 10.30 -9.62
N THR B 185 2.09 11.58 -9.41
CA THR B 185 2.01 12.15 -8.09
C THR B 185 0.70 12.90 -7.94
N PRO B 186 -0.40 12.19 -7.84
CA PRO B 186 -1.71 12.79 -8.04
C PRO B 186 -2.42 13.35 -6.80
N TRP B 187 -1.87 13.16 -5.61
CA TRP B 187 -2.63 13.46 -4.33
C TRP B 187 -2.93 14.95 -4.14
N ASN B 188 -2.11 15.81 -4.75
CA ASN B 188 -2.27 17.25 -4.66
C ASN B 188 -2.31 17.78 -6.10
N ALA B 189 -3.18 17.22 -6.92
CA ALA B 189 -3.09 17.54 -8.36
C ALA B 189 -4.42 17.31 -9.03
N GLY B 190 -4.50 17.81 -10.25
CA GLY B 190 -5.64 17.63 -11.09
C GLY B 190 -5.31 18.12 -12.51
N TYR B 191 -6.36 18.16 -13.33
CA TYR B 191 -6.33 18.65 -14.69
C TYR B 191 -7.36 19.76 -14.90
N ASP B 192 -7.00 20.55 -15.88
CA ASP B 192 -7.64 21.73 -16.36
C ASP B 192 -8.05 21.40 -17.81
N ILE B 193 -9.32 21.63 -18.15
CA ILE B 193 -9.76 21.48 -19.52
C ILE B 193 -10.33 22.77 -20.13
N ASP B 194 -10.06 22.97 -21.42
CA ASP B 194 -10.59 24.12 -22.16
C ASP B 194 -11.01 23.71 -23.56
N HIS B 195 -12.30 23.39 -23.73
CA HIS B 195 -12.88 23.14 -25.05
C HIS B 195 -13.96 24.22 -25.39
N PRO B 196 -13.56 25.32 -26.10
CA PRO B 196 -14.54 26.38 -26.47
C PRO B 196 -15.57 25.73 -27.34
N ALA B 197 -16.84 26.10 -27.14
CA ALA B 197 -17.95 25.62 -27.99
C ALA B 197 -17.75 26.08 -29.46
N GLY B 198 -18.01 25.22 -30.45
CA GLY B 198 -17.75 23.82 -30.44
C GLY B 198 -16.50 23.68 -31.29
N GLY B 199 -15.37 24.11 -30.73
CA GLY B 199 -14.08 24.00 -31.37
C GLY B 199 -13.36 25.32 -31.47
N PRO B 200 -12.28 25.37 -32.26
CA PRO B 200 -11.86 24.22 -33.06
C PRO B 200 -11.04 23.20 -32.21
N TYR B 201 -10.55 23.63 -31.04
CA TYR B 201 -9.66 22.82 -30.16
C TYR B 201 -10.22 22.24 -28.84
N THR B 202 -9.38 21.40 -28.19
CA THR B 202 -9.49 21.00 -26.80
C THR B 202 -8.08 20.99 -26.21
N HIS B 203 -7.86 21.83 -25.22
CA HIS B 203 -6.61 21.89 -24.47
C HIS B 203 -6.85 21.29 -23.07
N VAL B 204 -5.97 20.37 -22.69
CA VAL B 204 -5.91 19.78 -21.34
C VAL B 204 -4.52 19.92 -20.75
N GLY B 205 -4.49 20.34 -19.48
CA GLY B 205 -3.24 20.56 -18.74
C GLY B 205 -3.31 20.04 -17.31
N MET B 206 -2.17 19.61 -16.75
CA MET B 206 -2.07 19.22 -15.31
C MET B 206 -1.97 20.50 -14.51
N TRP B 207 -2.50 20.45 -13.28
CA TRP B 207 -2.14 21.45 -12.27
C TRP B 207 -1.76 20.79 -10.93
N PHE B 208 -0.90 21.48 -10.16
CA PHE B 208 -0.40 21.02 -8.88
C PHE B 208 -0.60 22.06 -7.79
N GLU B 209 -1.19 21.65 -6.68
CA GLU B 209 -1.36 22.52 -5.50
C GLU B 209 -0.30 22.17 -4.42
N PRO B 210 0.02 23.16 -3.56
CA PRO B 210 0.89 22.86 -2.41
C PRO B 210 0.24 21.86 -1.40
N SER B 211 1.06 21.25 -0.56
CA SER B 211 0.56 20.26 0.42
C SER B 211 0.89 20.95 1.75
N LEU B 212 -0.13 21.23 2.55
CA LEU B 212 0.09 21.95 3.81
C LEU B 212 0.87 23.26 3.63
N GLY B 213 0.53 24.03 2.59
CA GLY B 213 1.14 25.34 2.36
C GLY B 213 2.45 25.37 1.66
N ARG B 214 2.95 24.23 1.16
CA ARG B 214 4.29 24.14 0.55
C ARG B 214 4.24 23.17 -0.60
N MET B 215 4.94 23.45 -1.68
CA MET B 215 4.98 22.47 -2.77
C MET B 215 5.59 21.11 -2.30
N ASP B 216 6.66 21.19 -1.50
CA ASP B 216 7.14 20.09 -0.67
C ASP B 216 7.85 18.96 -1.44
N TYR B 217 7.13 18.28 -2.32
CA TYR B 217 7.69 17.09 -2.99
C TYR B 217 7.60 17.19 -4.53
N ARG B 218 8.51 16.46 -5.17
CA ARG B 218 8.60 16.39 -6.65
C ARG B 218 7.30 15.92 -7.20
N ARG B 219 6.85 16.58 -8.27
CA ARG B 219 5.61 16.24 -8.95
C ARG B 219 5.99 15.69 -10.32
N VAL B 220 5.35 14.60 -10.74
CA VAL B 220 5.85 13.86 -11.87
C VAL B 220 4.70 13.46 -12.83
N VAL B 221 4.92 13.76 -14.09
CA VAL B 221 3.98 13.35 -15.18
C VAL B 221 4.77 12.46 -16.17
N ARG B 222 4.14 11.37 -16.59
CA ARG B 222 4.78 10.48 -17.55
C ARG B 222 3.93 10.49 -18.84
N TYR B 223 4.53 10.92 -19.94
CA TYR B 223 3.83 10.86 -21.23
C TYR B 223 4.14 9.57 -21.98
N ARG B 224 3.13 8.94 -22.54
CA ARG B 224 3.33 7.85 -23.49
C ARG B 224 2.72 8.16 -24.90
N LEU B 225 3.58 8.20 -25.93
CA LEU B 225 3.17 8.43 -27.32
C LEU B 225 2.78 7.13 -27.95
N LEU B 226 1.56 7.05 -28.45
CA LEU B 226 0.97 5.79 -28.94
C LEU B 226 0.62 5.90 -30.41
N ASP B 227 0.61 4.75 -31.08
CA ASP B 227 0.24 4.67 -32.49
C ASP B 227 -0.71 3.50 -32.67
N HIS B 228 -1.44 3.50 -33.80
CA HIS B 228 -2.39 2.45 -34.14
C HIS B 228 -3.34 2.29 -32.97
N ALA B 229 -3.68 3.44 -32.39
CA ALA B 229 -4.37 3.48 -31.11
C ALA B 229 -5.85 3.80 -31.25
N ASP B 230 -6.62 3.25 -30.32
CA ASP B 230 -7.97 3.66 -30.12
C ASP B 230 -8.18 3.82 -28.59
N HIS B 231 -9.39 4.20 -28.21
CA HIS B 231 -9.65 4.47 -26.82
C HIS B 231 -9.45 3.23 -25.90
N THR B 232 -9.76 2.03 -26.39
CA THR B 232 -9.47 0.82 -25.62
C THR B 232 -7.95 0.70 -25.29
N ALA B 233 -7.11 0.87 -26.29
CA ALA B 233 -5.67 0.78 -26.14
C ALA B 233 -5.11 1.83 -25.14
N ILE B 234 -5.60 3.05 -25.18
CA ILE B 234 -5.18 4.09 -24.26
C ILE B 234 -5.47 3.68 -22.79
N CYS B 235 -6.69 3.25 -22.52
CA CYS B 235 -7.09 2.70 -21.26
C CYS B 235 -6.19 1.54 -20.83
N LYS B 236 -5.83 0.65 -21.76
CA LYS B 236 -5.02 -0.51 -21.39
C LYS B 236 -3.60 -0.12 -20.99
N THR B 237 -3.13 0.98 -21.57
CA THR B 237 -1.87 1.57 -21.22
C THR B 237 -1.87 1.94 -19.74
N TYR B 238 -2.94 2.61 -19.28
CA TYR B 238 -2.99 2.99 -17.88
C TYR B 238 -3.20 1.78 -16.99
N ARG B 239 -3.98 0.81 -17.45
CA ARG B 239 -4.17 -0.40 -16.70
C ARG B 239 -2.84 -1.10 -16.40
N ALA B 240 -1.92 -1.14 -17.38
CA ALA B 240 -0.65 -1.90 -17.28
C ALA B 240 0.30 -1.13 -16.33
N TYR B 241 0.24 0.20 -16.43
CA TYR B 241 0.95 1.09 -15.50
C TYR B 241 0.58 0.79 -14.04
N VAL B 242 -0.72 0.67 -13.76
CA VAL B 242 -1.18 0.37 -12.43
C VAL B 242 -0.78 -1.01 -11.94
N ASN B 243 -0.95 -2.01 -12.82
CA ASN B 243 -0.55 -3.35 -12.47
C ASN B 243 0.95 -3.44 -12.13
N GLU B 244 1.72 -2.75 -12.94
CA GLU B 244 3.17 -2.74 -12.79
C GLU B 244 3.63 -2.18 -11.41
N ARG B 245 2.76 -1.33 -10.80
CA ARG B 245 3.00 -0.70 -9.53
C ARG B 245 2.15 -1.33 -8.49
N GLY B 246 1.54 -2.48 -8.82
CA GLY B 246 0.89 -3.36 -7.78
C GLY B 246 -0.45 -2.89 -7.26
N ARG B 247 -1.11 -1.99 -8.00
CA ARG B 247 -2.39 -1.47 -7.55
C ARG B 247 -3.66 -1.96 -8.35
N LEU B 248 -3.47 -2.92 -9.25
CA LEU B 248 -4.54 -3.50 -10.00
C LEU B 248 -5.11 -4.66 -9.22
N ARG B 249 -5.86 -4.39 -8.16
CA ARG B 249 -6.29 -5.44 -7.28
C ARG B 249 -7.62 -6.06 -7.83
N THR B 250 -7.58 -7.34 -8.22
CA THR B 250 -8.74 -7.93 -8.87
C THR B 250 -9.71 -8.48 -7.88
N LEU B 251 -10.92 -8.62 -8.36
CA LEU B 251 -11.97 -9.17 -7.52
C LEU B 251 -11.62 -10.61 -7.05
N ALA B 252 -10.97 -11.34 -7.96
CA ALA B 252 -10.45 -12.70 -7.65
C ALA B 252 -9.39 -12.62 -6.51
N GLU B 253 -8.45 -11.68 -6.61
CA GLU B 253 -7.57 -11.47 -5.45
C GLU B 253 -8.34 -11.12 -4.18
N LYS B 254 -9.37 -10.25 -4.28
CA LYS B 254 -10.16 -9.93 -3.09
C LYS B 254 -10.98 -11.13 -2.59
N ALA B 255 -11.49 -11.90 -3.56
CA ALA B 255 -12.27 -13.12 -3.33
C ALA B 255 -11.42 -14.16 -2.63
N ALA B 256 -10.13 -14.25 -2.99
CA ALA B 256 -9.23 -15.23 -2.31
C ALA B 256 -9.16 -14.99 -0.80
N ARG B 257 -9.26 -13.74 -0.36
CA ARG B 257 -9.33 -13.44 1.07
C ARG B 257 -10.81 -13.47 1.59
N ASN B 258 -11.74 -12.91 0.81
CA ASN B 258 -13.19 -12.87 1.19
C ASN B 258 -14.05 -13.47 0.09
N PRO B 259 -14.39 -14.78 0.20
CA PRO B 259 -15.05 -15.48 -0.97
C PRO B 259 -16.45 -14.92 -1.28
N SER B 260 -17.07 -14.32 -0.25
CA SER B 260 -18.36 -13.63 -0.37
C SER B 260 -18.32 -12.48 -1.38
N VAL B 261 -17.13 -12.02 -1.81
CA VAL B 261 -17.03 -11.08 -2.97
C VAL B 261 -17.89 -11.61 -4.14
N ARG B 262 -17.85 -12.94 -4.36
CA ARG B 262 -18.60 -13.59 -5.46
C ARG B 262 -20.13 -13.50 -5.33
N ASP B 263 -20.62 -13.49 -4.08
CA ASP B 263 -22.05 -13.42 -3.80
C ASP B 263 -22.71 -12.07 -4.13
N LEU B 264 -21.90 -11.09 -4.55
CA LEU B 264 -22.42 -9.82 -5.02
C LEU B 264 -22.83 -9.95 -6.46
N LEU B 265 -22.31 -10.96 -7.15
CA LEU B 265 -22.50 -11.08 -8.58
C LEU B 265 -23.95 -11.48 -8.83
N GLY B 266 -24.57 -10.92 -9.88
CA GLY B 266 -25.97 -11.24 -10.18
C GLY B 266 -27.05 -10.67 -9.26
N ARG B 267 -26.70 -9.75 -8.36
CA ARG B 267 -27.68 -9.17 -7.43
C ARG B 267 -28.30 -7.85 -7.85
N SER B 268 -29.55 -7.67 -7.43
CA SER B 268 -30.23 -6.44 -7.75
C SER B 268 -30.15 -5.56 -6.50
N TRP B 269 -29.88 -4.28 -6.73
CA TRP B 269 -29.65 -3.32 -5.63
C TRP B 269 -30.93 -2.69 -5.08
N VAL B 270 -31.08 -2.70 -3.75
CA VAL B 270 -32.18 -2.02 -3.05
C VAL B 270 -31.62 -0.92 -2.11
N HIS B 271 -31.73 0.34 -2.55
CA HIS B 271 -31.32 1.48 -1.73
C HIS B 271 -32.55 2.18 -1.10
N VAL B 272 -32.82 1.91 0.20
CA VAL B 272 -33.97 2.52 0.95
C VAL B 272 -33.57 3.03 2.37
N GLY B 273 -34.44 3.85 2.98
CA GLY B 273 -34.19 4.53 4.24
C GLY B 273 -35.05 4.10 5.43
N ILE B 274 -34.74 4.65 6.59
CA ILE B 274 -35.44 4.38 7.82
C ILE B 274 -35.85 5.74 8.37
N LYS B 275 -34.91 6.46 8.98
CA LYS B 275 -35.22 7.76 9.56
C LYS B 275 -34.63 8.93 8.80
N THR B 276 -35.50 9.91 8.52
CA THR B 276 -35.12 11.21 7.93
C THR B 276 -35.44 12.28 8.94
N ASN B 277 -34.61 13.33 8.99
CA ASN B 277 -34.65 14.21 10.15
C ASN B 277 -33.83 15.46 9.90
N VAL B 278 -34.31 16.30 8.99
CA VAL B 278 -33.59 17.53 8.63
C VAL B 278 -33.68 18.58 9.74
N GLN B 279 -32.54 19.07 10.20
CA GLN B 279 -32.51 19.97 11.33
C GLN B 279 -32.81 21.36 10.79
N PRO B 280 -33.21 22.30 11.68
CA PRO B 280 -33.52 23.67 11.28
C PRO B 280 -32.37 24.51 10.71
N ASP B 281 -31.11 24.22 11.09
CA ASP B 281 -29.94 24.92 10.47
C ASP B 281 -29.46 24.32 9.14
N SER B 282 -30.02 23.17 8.75
CA SER B 282 -29.69 22.49 7.48
C SER B 282 -30.08 23.29 6.26
N SER B 283 -29.29 23.19 5.19
CA SER B 283 -29.61 23.92 3.97
C SER B 283 -30.82 23.26 3.28
N PHE B 284 -31.15 22.03 3.65
CA PHE B 284 -32.37 21.39 3.16
C PHE B 284 -33.63 21.73 4.04
N TYR B 285 -33.45 22.41 5.18
CA TYR B 285 -34.62 22.70 6.04
C TYR B 285 -35.61 23.65 5.39
N ASP B 286 -36.86 23.26 5.43
CA ASP B 286 -37.87 24.02 4.73
C ASP B 286 -39.20 23.93 5.48
N PRO B 287 -39.35 24.78 6.54
CA PRO B 287 -40.49 24.77 7.47
C PRO B 287 -41.80 25.12 6.73
N ALA B 288 -41.71 25.95 5.69
CA ALA B 288 -42.82 26.25 4.79
C ALA B 288 -43.21 25.04 3.89
N GLN B 289 -42.44 23.95 3.88
CA GLN B 289 -42.82 22.76 3.07
C GLN B 289 -42.44 21.45 3.78
N PRO B 290 -43.05 21.15 4.93
CA PRO B 290 -42.55 20.18 5.91
C PRO B 290 -42.62 18.71 5.56
N GLY B 291 -43.13 18.35 4.40
CA GLY B 291 -43.30 16.89 4.12
C GLY B 291 -42.01 16.09 4.08
N LYS B 292 -40.99 16.66 3.45
CA LYS B 292 -39.76 15.94 3.10
C LYS B 292 -38.83 15.72 4.31
N ASN B 293 -38.67 16.81 5.07
CA ASN B 293 -37.78 16.97 6.23
C ASN B 293 -37.83 15.89 7.30
N ASP B 294 -38.99 15.27 7.45
CA ASP B 294 -39.22 14.42 8.59
C ASP B 294 -40.09 13.25 8.17
N SER B 295 -39.56 12.04 8.34
CA SER B 295 -40.29 10.82 7.96
C SER B 295 -39.62 9.58 8.59
N LEU B 296 -40.32 8.44 8.54
CA LEU B 296 -39.84 7.24 9.20
C LEU B 296 -40.57 6.04 8.66
N VAL B 297 -39.80 5.01 8.31
CA VAL B 297 -40.33 3.72 8.07
C VAL B 297 -39.51 2.76 8.88
N THR B 298 -40.20 1.86 9.57
CA THR B 298 -39.58 0.97 10.54
C THR B 298 -38.84 -0.22 9.90
N PHE B 299 -38.06 -0.92 10.73
CA PHE B 299 -37.35 -2.13 10.28
C PHE B 299 -38.33 -3.19 9.84
N ALA B 300 -39.36 -3.44 10.69
CA ALA B 300 -40.50 -4.34 10.41
C ALA B 300 -41.11 -4.11 9.01
N GLN B 301 -41.27 -2.83 8.63
CA GLN B 301 -41.77 -2.47 7.27
C GLN B 301 -40.80 -2.72 6.15
N ARG B 302 -39.51 -2.48 6.39
CA ARG B 302 -38.50 -2.81 5.37
C ARG B 302 -38.39 -4.33 5.29
N GLU B 303 -38.51 -5.01 6.44
CA GLU B 303 -38.61 -6.47 6.50
C GLU B 303 -39.79 -7.00 5.65
N ARG B 304 -40.97 -6.38 5.78
CA ARG B 304 -42.14 -6.82 4.97
C ARG B 304 -41.88 -6.58 3.51
N GLN B 305 -41.37 -5.38 3.21
CA GLN B 305 -41.06 -4.98 1.84
C GLN B 305 -40.07 -5.97 1.20
N MET B 306 -39.09 -6.42 1.97
CA MET B 306 -38.15 -7.43 1.49
C MET B 306 -38.85 -8.78 1.18
N ARG B 307 -39.64 -9.28 2.15
CA ARG B 307 -40.38 -10.56 1.94
C ARG B 307 -41.22 -10.45 0.69
N THR B 308 -41.86 -9.29 0.54
CA THR B 308 -42.77 -9.05 -0.57
C THR B 308 -41.99 -9.19 -1.86
N LEU B 309 -40.89 -8.42 -1.95
CA LEU B 309 -40.09 -8.43 -3.15
C LEU B 309 -39.60 -9.84 -3.46
N HIS B 310 -39.31 -10.62 -2.42
CA HIS B 310 -38.91 -12.00 -2.68
C HIS B 310 -40.06 -12.74 -3.41
N GLU B 311 -41.26 -12.71 -2.80
CA GLU B 311 -42.48 -13.36 -3.37
C GLU B 311 -42.82 -12.89 -4.78
N MET B 312 -42.57 -11.60 -5.04
CA MET B 312 -42.74 -11.02 -6.36
C MET B 312 -41.71 -11.51 -7.37
N GLY B 313 -40.85 -12.48 -6.98
CA GLY B 313 -39.79 -13.06 -7.84
C GLY B 313 -38.71 -12.05 -8.18
N ALA B 314 -38.44 -11.11 -7.27
CA ALA B 314 -37.39 -10.14 -7.52
C ALA B 314 -36.01 -10.84 -7.69
N GLY B 315 -35.77 -11.98 -6.99
CA GLY B 315 -34.51 -12.73 -7.13
C GLY B 315 -33.43 -12.30 -6.10
N ARG B 316 -32.17 -12.36 -6.51
CA ARG B 316 -31.03 -12.18 -5.56
C ARG B 316 -30.84 -10.71 -5.29
N LEU B 317 -31.09 -10.31 -4.05
CA LEU B 317 -31.05 -8.87 -3.71
C LEU B 317 -29.90 -8.49 -2.78
N TYR B 318 -29.48 -7.21 -2.87
CA TYR B 318 -28.62 -6.56 -1.84
C TYR B 318 -29.35 -5.33 -1.23
N LEU B 319 -29.51 -5.32 0.08
CA LEU B 319 -30.15 -4.20 0.73
C LEU B 319 -29.10 -3.26 1.37
N HIS B 320 -29.08 -2.01 0.93
CA HIS B 320 -28.28 -0.94 1.54
C HIS B 320 -29.27 -0.02 2.28
N LEU B 321 -29.17 0.02 3.61
CA LEU B 321 -30.12 0.69 4.49
C LEU B 321 -29.62 2.03 5.02
N ASP B 322 -30.26 3.13 4.60
CA ASP B 322 -29.96 4.51 5.13
C ASP B 322 -30.64 4.78 6.49
N GLY B 323 -30.03 5.62 7.31
CA GLY B 323 -30.72 6.26 8.44
C GLY B 323 -31.19 5.34 9.56
N TRP B 324 -30.52 4.19 9.71
CA TRP B 324 -30.95 3.11 10.64
C TRP B 324 -30.62 3.42 12.10
N ALA B 325 -29.98 4.54 12.35
CA ALA B 325 -29.48 4.87 13.68
C ALA B 325 -30.23 6.04 14.28
N GLN B 326 -30.23 6.07 15.61
CA GLN B 326 -30.99 7.03 16.38
C GLN B 326 -31.02 8.42 15.75
N PRO B 327 -29.87 9.07 15.52
CA PRO B 327 -29.97 10.49 15.06
C PRO B 327 -30.73 10.71 13.74
N GLY B 328 -30.89 9.66 12.95
CA GLY B 328 -31.41 9.82 11.60
C GLY B 328 -30.35 10.14 10.55
N TYR B 329 -30.69 9.90 9.27
CA TYR B 329 -29.77 10.10 8.16
C TYR B 329 -29.03 11.44 8.18
N ASP B 330 -27.71 11.35 8.05
CA ASP B 330 -26.89 12.53 8.04
C ASP B 330 -26.99 13.40 9.29
N ASN B 331 -27.26 12.77 10.43
CA ASN B 331 -27.16 13.43 11.73
C ASN B 331 -26.13 12.70 12.61
N GLY B 332 -25.39 13.48 13.41
CA GLY B 332 -24.73 12.93 14.59
C GLY B 332 -23.46 12.14 14.31
N HIS B 333 -23.09 11.97 13.03
CA HIS B 333 -21.82 11.28 12.66
C HIS B 333 -20.62 11.98 13.38
N PRO B 334 -19.69 11.21 13.96
CA PRO B 334 -19.64 9.73 13.89
C PRO B 334 -20.31 9.01 15.06
N ASP B 335 -21.06 9.74 15.90
CA ASP B 335 -21.78 9.10 17.07
C ASP B 335 -23.14 8.61 16.58
N TYR B 336 -23.05 7.59 15.75
CA TYR B 336 -24.17 7.16 14.92
C TYR B 336 -24.68 5.81 15.38
N LEU B 337 -25.27 5.87 16.56
CA LEU B 337 -25.68 4.73 17.35
C LEU B 337 -26.73 5.21 18.41
N PRO B 338 -27.55 4.33 18.98
CA PRO B 338 -27.76 2.95 18.58
C PRO B 338 -28.73 2.93 17.39
N ALA B 339 -29.16 1.73 17.00
CA ALA B 339 -30.21 1.57 15.99
C ALA B 339 -31.48 2.34 16.42
N CYS B 340 -32.14 2.97 15.44
CA CYS B 340 -33.30 3.82 15.75
C CYS B 340 -34.34 3.11 16.64
N ARG B 341 -34.52 3.67 17.83
CA ARG B 341 -35.47 3.13 18.84
C ARG B 341 -36.93 3.17 18.34
N GLU B 342 -37.30 4.29 17.69
CA GLU B 342 -38.68 4.44 17.16
C GLU B 342 -38.93 3.65 15.88
N ALA B 343 -38.02 2.75 15.52
CA ALA B 343 -38.20 1.97 14.28
C ALA B 343 -38.08 0.54 14.59
N GLY B 344 -37.91 0.22 15.87
CA GLY B 344 -37.71 -1.19 16.24
C GLY B 344 -36.41 -1.52 16.97
N GLY B 345 -35.53 -0.52 17.11
CA GLY B 345 -34.19 -0.72 17.74
C GLY B 345 -33.38 -1.89 17.22
N TRP B 346 -32.40 -2.31 18.02
CA TRP B 346 -31.52 -3.44 17.65
C TRP B 346 -32.34 -4.66 17.30
N LYS B 347 -33.38 -4.90 18.11
CA LYS B 347 -34.24 -6.09 17.98
C LYS B 347 -34.84 -6.19 16.56
N GLY B 348 -35.41 -5.07 16.08
CA GLY B 348 -36.01 -5.01 14.72
C GLY B 348 -34.98 -5.08 13.60
N MET B 349 -33.89 -4.33 13.76
CA MET B 349 -32.80 -4.35 12.78
C MET B 349 -32.25 -5.77 12.66
N LYS B 350 -31.95 -6.42 13.79
CA LYS B 350 -31.57 -7.85 13.77
C LYS B 350 -32.57 -8.71 12.99
N SER B 351 -33.84 -8.56 13.34
CA SER B 351 -34.95 -9.26 12.70
C SER B 351 -34.97 -9.00 11.19
N LEU B 352 -34.86 -7.72 10.82
CA LEU B 352 -34.73 -7.38 9.39
C LEU B 352 -33.57 -8.11 8.67
N ILE B 353 -32.43 -8.20 9.36
CA ILE B 353 -31.21 -8.79 8.78
C ILE B 353 -31.38 -10.30 8.62
N ASP B 354 -31.83 -10.94 9.70
CA ASP B 354 -32.07 -12.38 9.67
C ASP B 354 -33.08 -12.71 8.61
N ALA B 355 -34.06 -11.82 8.42
CA ALA B 355 -35.09 -12.07 7.40
C ALA B 355 -34.47 -12.06 6.00
N CYS B 356 -33.62 -11.06 5.73
CA CYS B 356 -32.82 -11.06 4.46
C CYS B 356 -32.00 -12.33 4.28
N HIS B 357 -31.37 -12.81 5.36
CA HIS B 357 -30.46 -13.97 5.24
C HIS B 357 -31.25 -15.22 5.00
N GLU B 358 -32.46 -15.25 5.56
CA GLU B 358 -33.31 -16.44 5.56
C GLU B 358 -33.74 -16.64 4.14
N GLN B 359 -33.90 -15.53 3.40
CA GLN B 359 -34.27 -15.62 2.01
C GLN B 359 -33.10 -15.56 1.04
N GLY B 360 -31.85 -15.65 1.56
CA GLY B 360 -30.62 -15.56 0.73
C GLY B 360 -30.29 -14.19 0.11
N ASP B 361 -30.74 -13.13 0.77
CA ASP B 361 -30.37 -11.78 0.39
C ASP B 361 -29.25 -11.21 1.28
N LEU B 362 -28.49 -10.26 0.72
CA LEU B 362 -27.42 -9.56 1.45
C LEU B 362 -27.82 -8.18 1.96
N PHE B 363 -27.10 -7.78 3.00
CA PHE B 363 -27.36 -6.57 3.76
C PHE B 363 -26.07 -5.71 4.04
N GLY B 364 -26.14 -4.40 3.83
CA GLY B 364 -25.16 -3.48 4.44
C GLY B 364 -25.81 -2.22 4.98
N THR B 365 -25.08 -1.52 5.85
CA THR B 365 -25.53 -0.22 6.38
C THR B 365 -24.87 0.93 5.65
N HIS B 366 -25.62 2.03 5.48
CA HIS B 366 -25.04 3.31 5.13
C HIS B 366 -24.45 4.03 6.39
N ASP B 367 -23.15 4.32 6.34
CA ASP B 367 -22.49 5.03 7.46
C ASP B 367 -21.62 6.16 6.91
N GLN B 368 -20.98 6.92 7.79
CA GLN B 368 -20.35 8.15 7.39
C GLN B 368 -19.29 8.51 8.45
N TYR B 369 -18.06 8.78 7.99
CA TYR B 369 -16.95 9.05 8.91
C TYR B 369 -16.11 10.23 8.51
N ARG B 370 -16.55 11.04 7.56
CA ARG B 370 -15.89 12.32 7.28
C ARG B 370 -16.67 13.52 7.87
N ASP B 371 -17.96 13.60 7.56
CA ASP B 371 -18.87 14.62 8.16
C ASP B 371 -18.92 14.52 9.68
N TYR B 372 -18.57 15.63 10.36
CA TYR B 372 -18.46 15.58 11.83
C TYR B 372 -19.42 16.62 12.34
N TYR B 373 -20.53 16.17 12.93
CA TYR B 373 -21.62 17.13 13.31
C TYR B 373 -21.47 17.70 14.71
N PHE B 374 -21.71 19.02 14.81
CA PHE B 374 -21.69 19.73 16.13
C PHE B 374 -22.62 19.05 17.15
N ALA B 375 -23.72 18.46 16.66
CA ALA B 375 -24.66 17.72 17.52
C ALA B 375 -24.22 16.32 17.87
N ALA B 376 -23.06 15.86 17.40
CA ALA B 376 -22.67 14.48 17.74
C ALA B 376 -22.55 14.39 19.25
N ARG B 377 -22.91 13.26 19.84
CA ARG B 377 -22.72 13.06 21.29
C ARG B 377 -21.33 13.48 21.86
N THR B 378 -20.26 13.24 21.11
CA THR B 378 -18.92 13.48 21.68
C THR B 378 -18.15 14.55 20.89
N PHE B 379 -18.87 15.40 20.18
CA PHE B 379 -18.23 16.37 19.32
C PHE B 379 -17.18 17.20 20.07
N ASP B 380 -16.00 17.32 19.47
CA ASP B 380 -14.94 18.05 20.11
C ASP B 380 -14.11 18.53 18.94
N PRO B 381 -13.98 19.87 18.78
CA PRO B 381 -13.21 20.41 17.66
C PRO B 381 -11.71 20.07 17.71
N ARG B 382 -11.24 19.52 18.83
CA ARG B 382 -9.84 19.06 18.87
C ARG B 382 -9.69 17.77 18.02
N ASN B 383 -10.81 17.15 17.61
CA ASN B 383 -10.80 15.97 16.69
C ASN B 383 -10.96 16.33 15.21
N ALA B 384 -11.18 17.62 14.92
CA ALA B 384 -11.51 18.11 13.61
C ALA B 384 -10.28 18.55 12.87
N ILE B 385 -10.40 18.55 11.55
CA ILE B 385 -9.41 19.08 10.59
C ILE B 385 -9.10 20.53 10.96
N ARG B 386 -7.85 20.95 10.76
CA ARG B 386 -7.57 22.36 10.57
C ARG B 386 -6.93 22.48 9.24
N LEU B 387 -7.29 23.50 8.50
CA LEU B 387 -6.70 23.83 7.19
C LEU B 387 -5.28 24.34 7.32
N ALA B 388 -4.53 24.30 6.21
CA ALA B 388 -3.19 24.80 6.18
C ALA B 388 -3.13 26.18 6.86
N ASP B 389 -4.16 27.03 6.75
CA ASP B 389 -4.09 28.40 7.38
C ASP B 389 -4.50 28.38 8.85
N GLY B 390 -4.89 27.23 9.39
CA GLY B 390 -5.19 27.10 10.81
C GLY B 390 -6.66 27.03 11.15
N THR B 391 -7.54 27.41 10.22
CA THR B 391 -9.00 27.52 10.55
C THR B 391 -9.68 26.17 10.46
N MET B 392 -10.77 26.03 11.19
CA MET B 392 -11.50 24.80 11.24
C MET B 392 -12.68 24.91 10.26
N PRO B 393 -12.72 24.08 9.20
CA PRO B 393 -13.79 24.39 8.22
C PRO B 393 -15.16 23.90 8.78
N GLU B 394 -16.22 24.55 8.33
CA GLU B 394 -17.61 24.38 8.84
C GLU B 394 -18.60 24.67 7.75
N HIS B 395 -19.75 24.00 7.80
CA HIS B 395 -20.88 24.35 6.91
C HIS B 395 -22.05 23.61 7.48
N ALA B 396 -23.23 23.80 6.88
CA ALA B 396 -24.44 23.19 7.40
C ALA B 396 -25.33 22.72 6.27
N MET B 397 -24.77 22.00 5.31
CA MET B 397 -25.47 21.63 4.11
C MET B 397 -26.48 20.49 4.29
N TRP B 398 -26.13 19.52 5.11
CA TRP B 398 -26.85 18.26 5.12
C TRP B 398 -27.88 18.20 6.24
N ALA B 399 -28.61 17.11 6.28
CA ALA B 399 -29.68 16.91 7.24
C ALA B 399 -29.29 17.34 8.65
N GLY B 400 -28.07 17.01 9.07
CA GLY B 400 -27.72 17.18 10.49
C GLY B 400 -27.28 18.56 10.86
N GLY B 401 -27.22 19.46 9.88
CA GLY B 401 -26.91 20.87 10.19
C GLY B 401 -25.42 21.08 10.38
N ARG B 402 -25.05 22.05 11.23
CA ARG B 402 -23.66 22.53 11.41
C ARG B 402 -22.69 21.38 11.64
N GLN B 403 -21.58 21.43 10.88
CA GLN B 403 -20.60 20.32 10.87
C GLN B 403 -19.23 20.82 10.59
N THR B 404 -18.23 20.00 10.93
CA THR B 404 -16.92 20.22 10.37
C THR B 404 -16.50 18.85 9.74
N TYR B 405 -15.18 18.62 9.59
CA TYR B 405 -14.71 17.27 9.21
C TYR B 405 -13.87 16.61 10.31
N LEU B 406 -14.05 15.31 10.44
CA LEU B 406 -13.30 14.50 11.33
C LEU B 406 -11.97 14.23 10.66
N CYS B 407 -10.86 14.62 11.31
CA CYS B 407 -9.51 14.33 10.79
C CYS B 407 -9.41 12.84 10.54
N ALA B 408 -9.13 12.45 9.27
CA ALA B 408 -9.06 11.00 8.94
C ALA B 408 -7.98 10.21 9.70
N GLU B 409 -6.98 10.86 10.32
CA GLU B 409 -6.07 10.14 11.27
C GLU B 409 -6.85 9.41 12.38
N LEU B 410 -8.04 9.97 12.72
CA LEU B 410 -8.87 9.47 13.83
C LEU B 410 -10.02 8.56 13.35
N ALA B 411 -10.28 8.55 12.05
CA ALA B 411 -11.43 7.79 11.52
C ALA B 411 -11.34 6.30 11.77
N PRO B 412 -10.16 5.68 11.51
CA PRO B 412 -10.20 4.28 11.85
C PRO B 412 -10.53 4.02 13.34
N ASP B 413 -10.20 4.91 14.28
CA ASP B 413 -10.58 4.72 15.70
C ASP B 413 -12.15 4.64 15.85
N TYR B 414 -12.84 5.56 15.18
CA TYR B 414 -14.29 5.62 15.16
C TYR B 414 -14.94 4.41 14.48
N VAL B 415 -14.39 4.00 13.34
CA VAL B 415 -14.88 2.82 12.59
C VAL B 415 -14.80 1.60 13.52
N ARG B 416 -13.65 1.42 14.18
CA ARG B 416 -13.47 0.30 15.05
C ARG B 416 -14.42 0.34 16.23
N ARG B 417 -14.63 1.52 16.81
CA ARG B 417 -15.60 1.66 17.94
C ARG B 417 -17.03 1.31 17.50
N ASN B 418 -17.54 2.02 16.49
CA ASN B 418 -18.90 1.74 16.00
C ASN B 418 -19.16 0.33 15.48
N PHE B 419 -18.31 -0.19 14.58
CA PHE B 419 -18.66 -1.52 14.05
C PHE B 419 -18.51 -2.59 15.08
N SER B 420 -17.53 -2.40 15.94
CA SER B 420 -17.36 -3.29 17.06
C SER B 420 -18.67 -3.36 17.88
N GLU B 421 -19.20 -2.18 18.22
CA GLU B 421 -20.44 -2.01 18.97
C GLU B 421 -21.62 -2.72 18.25
N ILE B 422 -21.83 -2.38 16.97
CA ILE B 422 -22.83 -3.03 16.12
C ILE B 422 -22.83 -4.53 16.25
N ALA B 423 -21.67 -5.15 16.03
CA ALA B 423 -21.53 -6.60 16.03
C ALA B 423 -21.93 -7.24 17.37
N THR B 424 -21.80 -6.52 18.49
CA THR B 424 -22.23 -7.10 19.79
C THR B 424 -23.75 -7.15 20.02
N HIS B 425 -24.54 -6.80 19.01
CA HIS B 425 -26.00 -6.90 19.11
C HIS B 425 -26.56 -7.86 18.09
N GLY B 426 -25.84 -8.96 17.83
CA GLY B 426 -26.30 -9.96 16.87
C GLY B 426 -26.43 -9.46 15.43
N ILE B 427 -25.86 -8.28 15.12
CA ILE B 427 -25.97 -7.70 13.77
C ILE B 427 -24.74 -8.18 12.97
N VAL B 428 -25.00 -8.94 11.92
CA VAL B 428 -23.94 -9.56 11.16
C VAL B 428 -24.04 -9.01 9.76
N LEU B 429 -23.31 -7.92 9.51
CA LEU B 429 -23.31 -7.25 8.22
C LEU B 429 -22.58 -8.02 7.12
N ASP B 430 -23.18 -8.09 5.93
CA ASP B 430 -22.50 -8.62 4.77
C ASP B 430 -21.60 -7.54 4.07
N CYS B 431 -21.91 -6.26 4.32
CA CYS B 431 -21.31 -5.14 3.64
C CYS B 431 -21.48 -3.90 4.48
N ALA B 432 -20.74 -2.87 4.11
CA ALA B 432 -20.81 -1.59 4.78
C ALA B 432 -20.34 -0.57 3.81
N TYR B 433 -20.98 0.58 3.92
CA TYR B 433 -20.85 1.65 3.00
C TYR B 433 -20.33 2.81 3.88
N LEU B 434 -19.16 3.33 3.49
CA LEU B 434 -18.53 4.43 4.24
C LEU B 434 -18.62 5.55 3.26
N ASP B 435 -19.67 6.36 3.42
CA ASP B 435 -19.98 7.38 2.46
C ASP B 435 -18.82 8.35 2.19
N VAL B 436 -18.88 9.04 1.05
CA VAL B 436 -17.97 10.13 0.61
C VAL B 436 -16.49 9.84 0.36
N PHE B 437 -15.94 8.85 1.02
CA PHE B 437 -14.48 8.51 0.95
C PHE B 437 -13.96 8.41 -0.48
N THR B 438 -14.71 7.72 -1.34
CA THR B 438 -14.25 7.51 -2.75
C THR B 438 -14.89 8.45 -3.76
N CYS B 439 -15.39 9.60 -3.29
CA CYS B 439 -15.95 10.65 -4.17
C CYS B 439 -15.29 11.98 -4.00
N ASN B 440 -15.23 12.42 -2.74
CA ASN B 440 -14.61 13.71 -2.32
C ASN B 440 -13.10 13.61 -2.12
N GLU B 441 -12.42 14.74 -2.29
CA GLU B 441 -10.96 14.78 -2.14
C GLU B 441 -10.57 14.40 -0.71
N GLY B 442 -9.36 13.89 -0.59
CA GLY B 442 -8.75 13.70 0.69
C GLY B 442 -8.48 15.05 1.35
N ASP B 443 -8.87 15.13 2.60
CA ASP B 443 -8.50 16.29 3.46
C ASP B 443 -7.02 16.38 3.83
N GLU B 444 -6.49 17.59 4.02
CA GLU B 444 -5.23 17.76 4.74
C GLU B 444 -5.51 18.46 6.12
N CYS B 445 -4.58 18.32 7.08
CA CYS B 445 -4.78 18.81 8.43
C CYS B 445 -3.52 19.32 9.03
N SER B 446 -3.54 20.56 9.50
CA SER B 446 -2.35 21.11 10.16
C SER B 446 -2.45 20.99 11.69
N HIS B 447 -3.43 20.28 12.20
CA HIS B 447 -3.57 20.15 13.67
C HIS B 447 -2.37 19.39 14.25
N PRO B 448 -1.61 20.06 15.15
CA PRO B 448 -0.38 19.44 15.66
C PRO B 448 -0.60 18.05 16.22
N GLU B 449 -1.78 17.82 16.78
CA GLU B 449 -2.08 16.50 17.37
C GLU B 449 -2.44 15.42 16.36
N HIS B 450 -2.64 15.78 15.09
CA HIS B 450 -2.97 14.75 14.04
C HIS B 450 -2.81 15.39 12.65
N ARG B 451 -1.59 15.82 12.37
CA ARG B 451 -1.20 16.37 11.07
C ARG B 451 -1.40 15.29 10.01
N MET B 452 -1.78 15.70 8.82
CA MET B 452 -2.12 14.72 7.74
C MET B 452 -2.04 15.40 6.41
N THR B 453 -1.35 14.80 5.46
CA THR B 453 -1.38 15.29 4.08
C THR B 453 -2.53 14.61 3.33
N ARG B 454 -2.89 15.13 2.18
CA ARG B 454 -3.97 14.49 1.42
C ARG B 454 -3.61 13.06 1.10
N ARG B 455 -2.35 12.82 0.77
CA ARG B 455 -1.94 11.43 0.50
C ARG B 455 -2.25 10.53 1.68
N GLU B 456 -1.97 11.02 2.89
CA GLU B 456 -2.23 10.22 4.10
C GLU B 456 -3.71 10.06 4.33
N CYS B 457 -4.46 11.06 3.94
CA CYS B 457 -5.89 10.91 4.10
C CYS B 457 -6.43 9.75 3.27
N TYR B 458 -5.98 9.62 2.01
CA TYR B 458 -6.38 8.41 1.27
C TYR B 458 -5.96 7.10 1.99
N GLU B 459 -4.73 7.05 2.55
CA GLU B 459 -4.29 5.84 3.25
C GLU B 459 -5.18 5.56 4.46
N ARG B 460 -5.55 6.62 5.17
CA ARG B 460 -6.39 6.46 6.36
C ARG B 460 -7.80 6.05 6.01
N ARG B 461 -8.30 6.51 4.88
CA ARG B 461 -9.60 6.01 4.37
C ARG B 461 -9.51 4.54 4.04
N ALA B 462 -8.43 4.15 3.35
CA ALA B 462 -8.22 2.73 3.00
C ALA B 462 -8.13 1.88 4.25
N GLU B 463 -7.54 2.43 5.30
CA GLU B 463 -7.39 1.69 6.57
C GLU B 463 -8.79 1.41 7.17
N CYS B 464 -9.71 2.40 7.07
CA CYS B 464 -11.10 2.13 7.45
C CYS B 464 -11.70 0.96 6.68
N PHE B 465 -11.55 0.91 5.36
CA PHE B 465 -11.96 -0.25 4.55
C PHE B 465 -11.28 -1.53 4.95
N GLU B 466 -10.00 -1.45 5.26
CA GLU B 466 -9.32 -2.68 5.58
C GLU B 466 -9.83 -3.34 6.86
N TYR B 467 -10.26 -2.51 7.81
CA TYR B 467 -10.86 -3.00 9.07
C TYR B 467 -12.08 -3.88 8.72
N LEU B 468 -12.85 -3.43 7.74
CA LEU B 468 -14.13 -4.08 7.38
C LEU B 468 -13.78 -5.38 6.70
N LEU B 469 -12.98 -5.31 5.64
CA LEU B 469 -12.56 -6.54 4.96
C LEU B 469 -11.97 -7.62 5.89
N ALA B 470 -11.23 -7.18 6.91
CA ALA B 470 -10.56 -8.13 7.84
C ALA B 470 -11.58 -8.89 8.66
N HIS B 471 -12.75 -8.28 8.80
CA HIS B 471 -13.81 -8.84 9.59
C HIS B 471 -14.81 -9.48 8.68
N GLY B 472 -14.43 -9.67 7.42
CA GLY B 472 -15.29 -10.34 6.43
C GLY B 472 -16.49 -9.51 6.01
N ILE B 473 -16.40 -8.19 6.14
CA ILE B 473 -17.46 -7.30 5.66
C ILE B 473 -17.00 -6.63 4.32
N LEU B 474 -17.73 -6.85 3.24
CA LEU B 474 -17.35 -6.25 1.96
C LEU B 474 -17.52 -4.74 1.96
N THR B 475 -16.63 -4.06 1.22
CA THR B 475 -16.53 -2.61 1.38
C THR B 475 -17.14 -1.90 0.21
N SER B 476 -17.82 -0.77 0.45
CA SER B 476 -18.37 0.11 -0.60
C SER B 476 -18.27 1.51 -0.16
N SER B 477 -18.28 2.41 -1.13
CA SER B 477 -18.32 3.82 -0.81
C SER B 477 -19.01 4.53 -1.99
N GLU B 478 -19.09 5.85 -1.93
CA GLU B 478 -19.85 6.64 -2.90
C GLU B 478 -19.54 6.37 -4.37
N GLU B 479 -18.31 6.66 -4.81
CA GLU B 479 -17.93 6.37 -6.17
C GLU B 479 -16.65 5.55 -6.22
N VAL B 480 -15.80 5.72 -7.23
CA VAL B 480 -14.71 4.75 -7.44
C VAL B 480 -13.30 5.38 -7.71
N SER B 481 -13.04 6.56 -7.16
CA SER B 481 -11.76 7.24 -7.37
C SER B 481 -10.64 6.22 -7.05
N ASP B 482 -9.64 6.15 -7.92
CA ASP B 482 -8.93 4.89 -7.96
C ASP B 482 -7.86 4.63 -6.92
N TRP B 483 -7.50 5.67 -6.14
CA TRP B 483 -6.76 5.40 -4.87
C TRP B 483 -7.34 4.21 -4.12
N ALA B 484 -8.65 4.02 -4.25
CA ALA B 484 -9.35 3.08 -3.37
C ALA B 484 -9.40 1.69 -3.95
N VAL B 485 -8.95 1.51 -5.19
CA VAL B 485 -9.07 0.13 -5.80
C VAL B 485 -8.52 -1.01 -4.97
N PRO B 486 -7.32 -0.86 -4.35
CA PRO B 486 -6.85 -2.00 -3.53
C PRO B 486 -7.81 -2.46 -2.41
N SER B 487 -8.62 -1.57 -1.86
CA SER B 487 -9.39 -1.97 -0.66
C SER B 487 -10.90 -1.73 -0.82
N LEU B 488 -11.32 -1.37 -2.02
CA LEU B 488 -12.78 -1.20 -2.34
C LEU B 488 -13.38 -2.39 -3.14
N VAL B 489 -14.42 -3.05 -2.62
CA VAL B 489 -15.08 -4.15 -3.36
C VAL B 489 -16.17 -3.63 -4.28
N PHE B 490 -17.03 -2.74 -3.79
CA PHE B 490 -18.10 -2.14 -4.63
C PHE B 490 -18.47 -0.70 -4.31
N CYS B 491 -19.52 -0.17 -4.95
CA CYS B 491 -19.82 1.26 -4.81
C CYS B 491 -21.30 1.55 -4.86
N HIS B 492 -21.66 2.80 -4.58
CA HIS B 492 -23.07 3.23 -4.78
C HIS B 492 -23.32 3.27 -6.30
N TYR B 493 -22.34 3.83 -7.03
CA TYR B 493 -22.31 3.82 -8.49
C TYR B 493 -20.99 4.37 -9.03
N ALA B 494 -20.77 4.15 -10.33
CA ALA B 494 -19.63 4.72 -11.04
C ALA B 494 -20.23 5.25 -12.31
N PRO B 495 -21.14 6.23 -12.19
CA PRO B 495 -21.98 6.64 -13.32
C PRO B 495 -21.22 7.51 -14.31
N TYR B 496 -21.81 7.73 -15.48
CA TYR B 496 -21.29 8.72 -16.41
C TYR B 496 -21.69 10.06 -15.85
N ASP B 497 -20.93 11.09 -16.19
CA ASP B 497 -21.19 12.45 -15.73
C ASP B 497 -22.59 13.00 -16.14
N PHE B 498 -23.06 12.64 -17.35
CA PHE B 498 -24.44 12.98 -17.81
C PHE B 498 -25.54 12.41 -16.88
N GLN B 499 -25.37 11.20 -16.38
CA GLN B 499 -26.35 10.63 -15.43
C GLN B 499 -26.44 11.38 -14.09
N MET B 500 -25.58 12.37 -13.89
CA MET B 500 -25.49 13.11 -12.64
C MET B 500 -26.06 14.50 -12.81
N ARG B 501 -26.46 14.86 -14.02
CA ARG B 501 -27.05 16.15 -14.33
C ARG B 501 -28.43 15.88 -14.88
N SER B 502 -29.21 16.94 -14.99
CA SER B 502 -30.52 16.89 -15.67
C SER B 502 -30.42 16.22 -17.08
N PRO B 503 -31.27 15.21 -17.36
CA PRO B 503 -31.28 14.68 -18.74
C PRO B 503 -31.57 15.73 -19.83
N ASP B 504 -32.00 16.94 -19.44
CA ASP B 504 -32.12 18.07 -20.36
C ASP B 504 -30.84 18.86 -20.55
N ALA B 505 -29.84 18.60 -19.71
CA ALA B 505 -28.61 19.39 -19.77
C ALA B 505 -27.79 18.89 -20.94
N PRO B 506 -27.16 19.81 -21.69
CA PRO B 506 -26.34 19.39 -22.83
C PRO B 506 -25.01 18.67 -22.38
N ARG B 507 -24.82 17.43 -22.84
CA ARG B 507 -23.60 16.61 -22.59
C ARG B 507 -22.29 17.27 -22.99
N HIS B 508 -21.23 16.79 -22.35
CA HIS B 508 -19.87 17.27 -22.55
C HIS B 508 -19.18 16.42 -23.64
N GLY B 509 -19.79 15.29 -24.02
CA GLY B 509 -19.22 14.48 -25.08
C GLY B 509 -19.93 13.14 -25.20
N ILE B 510 -19.23 12.17 -25.82
CA ILE B 510 -19.67 10.82 -26.00
C ILE B 510 -19.27 10.01 -24.76
N PRO B 511 -20.22 9.26 -24.18
CA PRO B 511 -19.86 8.43 -23.04
C PRO B 511 -19.22 7.09 -23.44
N VAL B 512 -18.02 6.87 -22.88
CA VAL B 512 -17.24 5.64 -23.05
C VAL B 512 -16.79 5.17 -21.65
N PRO B 513 -16.80 3.84 -21.42
CA PRO B 513 -16.49 3.25 -20.12
C PRO B 513 -14.95 3.21 -19.84
N LEU B 514 -14.30 4.38 -19.73
CA LEU B 514 -12.85 4.44 -19.51
C LEU B 514 -12.51 3.70 -18.21
N TYR B 515 -13.28 3.98 -17.16
CA TYR B 515 -13.01 3.40 -15.89
C TYR B 515 -13.05 1.90 -15.96
N ASN B 516 -14.10 1.39 -16.58
CA ASN B 516 -14.26 -0.05 -16.62
C ASN B 516 -13.28 -0.78 -17.58
N LEU B 517 -12.78 -0.04 -18.56
CA LEU B 517 -11.79 -0.58 -19.50
C LEU B 517 -10.48 -0.83 -18.71
N VAL B 518 -10.32 -0.12 -17.58
CA VAL B 518 -9.19 -0.33 -16.67
C VAL B 518 -9.57 -1.29 -15.54
N TYR B 519 -10.77 -1.14 -14.93
CA TYR B 519 -11.02 -1.76 -13.60
C TYR B 519 -12.26 -2.61 -13.44
N HIS B 520 -12.91 -2.97 -14.56
CA HIS B 520 -14.16 -3.76 -14.47
C HIS B 520 -13.96 -5.04 -13.67
N ASP B 521 -12.80 -5.69 -13.90
CA ASP B 521 -12.41 -6.85 -13.08
C ASP B 521 -11.91 -6.55 -11.64
N CYS B 522 -12.06 -5.31 -11.14
CA CYS B 522 -11.53 -4.97 -9.80
C CYS B 522 -12.56 -4.41 -8.87
N VAL B 523 -13.60 -3.79 -9.44
CA VAL B 523 -14.61 -3.12 -8.63
C VAL B 523 -16.00 -3.42 -9.24
N ILE B 524 -16.84 -4.04 -8.44
CA ILE B 524 -18.25 -4.25 -8.75
C ILE B 524 -19.04 -2.94 -8.61
N GLN B 525 -19.91 -2.65 -9.58
CA GLN B 525 -20.68 -1.39 -9.65
C GLN B 525 -22.20 -1.63 -9.98
N PRO B 526 -23.13 -1.02 -9.20
CA PRO B 526 -24.50 -1.04 -9.72
C PRO B 526 -24.74 0.21 -10.59
N TRP B 527 -25.80 0.11 -11.40
CA TRP B 527 -26.14 1.11 -12.41
C TRP B 527 -27.60 1.55 -12.30
N MET B 528 -27.81 2.85 -12.55
CA MET B 528 -29.14 3.48 -12.72
C MET B 528 -29.90 2.72 -13.83
N MET B 529 -31.14 2.33 -13.52
CA MET B 529 -32.07 1.66 -14.45
C MET B 529 -33.18 2.58 -15.05
N ASP B 530 -33.08 3.88 -14.75
CA ASP B 530 -33.98 4.94 -15.25
C ASP B 530 -34.14 4.97 -16.79
N ARG B 531 -35.35 5.33 -17.25
CA ARG B 531 -35.62 5.60 -18.68
C ARG B 531 -35.83 7.11 -18.81
N VAL B 532 -35.16 7.77 -19.75
CA VAL B 532 -35.48 9.16 -20.02
C VAL B 532 -36.64 9.12 -21.05
N ALA B 533 -37.73 9.85 -20.72
CA ALA B 533 -38.83 10.15 -21.66
C ALA B 533 -38.29 10.84 -22.94
N GLY B 534 -38.35 10.12 -24.07
CA GLY B 534 -37.83 10.60 -25.35
C GLY B 534 -36.31 10.66 -25.43
N GLY B 535 -35.67 9.83 -24.61
CA GLY B 535 -34.19 9.85 -24.45
C GLY B 535 -33.69 8.44 -24.12
N ASP B 536 -32.44 8.35 -23.62
CA ASP B 536 -31.80 7.05 -23.39
C ASP B 536 -32.48 6.26 -22.30
N ASP B 537 -32.51 4.97 -22.50
CA ASP B 537 -32.89 4.04 -21.46
C ASP B 537 -31.55 3.59 -20.76
N TYR B 538 -31.37 3.99 -19.50
CA TYR B 538 -30.10 3.71 -18.75
C TYR B 538 -29.68 2.24 -18.63
N MET B 539 -30.65 1.33 -18.63
CA MET B 539 -30.44 -0.12 -18.84
C MET B 539 -29.35 -0.42 -19.85
N LEU B 540 -29.27 0.36 -20.91
CA LEU B 540 -28.24 0.11 -21.93
C LEU B 540 -26.77 0.29 -21.44
N TYR B 541 -26.57 1.29 -20.56
CA TYR B 541 -25.23 1.59 -20.02
C TYR B 541 -24.88 0.51 -19.00
N ALA B 542 -25.79 0.26 -18.07
CA ALA B 542 -25.65 -0.87 -17.20
C ALA B 542 -25.09 -2.12 -17.93
N LEU B 543 -25.59 -2.38 -19.15
CA LEU B 543 -25.28 -3.63 -19.85
C LEU B 543 -23.93 -3.55 -20.55
N LEU B 544 -23.64 -2.36 -21.09
CA LEU B 544 -22.41 -2.08 -21.75
C LEU B 544 -21.20 -2.21 -20.83
N ASN B 545 -21.46 -2.07 -19.52
CA ASN B 545 -20.47 -1.92 -18.46
C ASN B 545 -20.50 -3.17 -17.56
N GLY B 546 -21.27 -4.19 -17.95
CA GLY B 546 -21.37 -5.49 -17.24
C GLY B 546 -21.69 -5.33 -15.76
N GLY B 547 -22.62 -4.41 -15.49
CA GLY B 547 -22.90 -3.86 -14.19
C GLY B 547 -23.98 -4.67 -13.54
N ALA B 548 -24.32 -4.26 -12.32
CA ALA B 548 -25.48 -4.76 -11.61
C ALA B 548 -26.64 -3.74 -11.77
N PRO B 549 -27.90 -4.20 -11.61
CA PRO B 549 -29.01 -3.21 -11.72
C PRO B 549 -29.50 -2.72 -10.34
N TYR B 550 -29.88 -1.45 -10.25
CA TYR B 550 -30.75 -1.00 -9.15
C TYR B 550 -32.21 -1.41 -9.47
N LEU B 551 -32.84 -2.18 -8.59
CA LEU B 551 -34.29 -2.39 -8.56
C LEU B 551 -35.00 -1.19 -7.90
N ILE B 552 -34.51 -0.76 -6.73
CA ILE B 552 -35.07 0.38 -6.03
C ILE B 552 -33.91 1.28 -5.61
N ARG B 553 -34.10 2.57 -5.82
CA ARG B 553 -33.09 3.55 -5.54
C ARG B 553 -33.70 4.83 -4.95
N ASP B 554 -34.18 4.73 -3.71
CA ASP B 554 -34.68 5.91 -2.98
C ASP B 554 -33.59 6.98 -2.77
N ALA B 555 -33.87 8.20 -3.22
CA ALA B 555 -33.02 9.31 -2.96
C ALA B 555 -33.06 9.69 -1.45
N ALA B 556 -31.91 10.03 -0.88
CA ALA B 556 -31.90 10.59 0.48
C ALA B 556 -32.28 12.09 0.46
N TYR B 557 -31.97 12.79 -0.63
CA TYR B 557 -32.43 14.16 -0.85
C TYR B 557 -32.91 14.30 -2.29
N ALA B 558 -34.15 14.78 -2.47
CA ALA B 558 -34.72 15.09 -3.80
C ALA B 558 -33.79 15.97 -4.65
N GLY B 559 -33.53 15.56 -5.89
CA GLY B 559 -32.62 16.30 -6.79
C GLY B 559 -31.14 16.00 -6.57
N MET B 560 -30.82 15.12 -5.63
CA MET B 560 -29.43 14.79 -5.34
C MET B 560 -29.11 13.36 -5.77
N ASP B 561 -27.82 13.12 -6.06
CA ASP B 561 -27.25 11.78 -6.27
C ASP B 561 -27.84 11.13 -7.52
N GLY B 562 -27.84 11.89 -8.61
CA GLY B 562 -28.48 11.48 -9.88
C GLY B 562 -29.95 11.13 -9.75
N ASP B 563 -30.73 11.97 -9.06
CA ASP B 563 -32.20 11.77 -8.95
C ASP B 563 -32.84 12.73 -9.96
N MET B 564 -33.36 12.15 -11.04
CA MET B 564 -33.78 12.96 -12.20
C MET B 564 -35.26 13.42 -12.17
N ASN B 565 -35.52 14.52 -12.89
CA ASN B 565 -36.84 14.90 -13.52
C ASN B 565 -38.08 14.39 -12.76
N ASN B 574 -41.48 -4.54 -16.90
CA ASN B 574 -41.46 -4.08 -15.51
C ASN B 574 -40.05 -4.25 -14.94
N ASP B 575 -39.79 -3.58 -13.81
CA ASP B 575 -38.47 -3.51 -13.17
C ASP B 575 -37.86 -4.86 -12.83
N ILE B 576 -38.63 -5.78 -12.26
CA ILE B 576 -38.09 -7.13 -11.93
C ILE B 576 -37.50 -7.83 -13.16
N GLU B 577 -38.16 -7.63 -14.30
CA GLU B 577 -37.76 -8.22 -15.55
C GLU B 577 -36.54 -7.55 -16.18
N ARG B 578 -36.46 -6.22 -16.17
CA ARG B 578 -35.32 -5.60 -16.87
C ARG B 578 -34.06 -5.90 -16.04
N CYS B 579 -34.26 -5.92 -14.72
CA CYS B 579 -33.18 -6.18 -13.79
C CYS B 579 -32.62 -7.56 -14.04
N ALA B 580 -33.50 -8.55 -14.22
CA ALA B 580 -33.04 -9.94 -14.32
C ALA B 580 -32.20 -10.15 -15.57
N VAL B 581 -32.43 -9.31 -16.56
CA VAL B 581 -31.59 -9.29 -17.75
C VAL B 581 -30.17 -8.71 -17.48
N VAL B 582 -30.10 -7.64 -16.69
CA VAL B 582 -28.78 -7.06 -16.36
C VAL B 582 -28.04 -7.99 -15.41
N ALA B 583 -28.71 -8.34 -14.32
CA ALA B 583 -28.22 -9.33 -13.36
C ALA B 583 -27.74 -10.68 -13.93
N GLY B 584 -28.33 -11.15 -15.03
CA GLY B 584 -27.87 -12.43 -15.61
C GLY B 584 -26.53 -12.31 -16.32
N LEU B 585 -26.34 -11.16 -16.98
CA LEU B 585 -25.09 -10.83 -17.63
C LEU B 585 -24.01 -10.69 -16.56
N HIS B 586 -24.39 -10.00 -15.47
CA HIS B 586 -23.49 -9.60 -14.39
C HIS B 586 -22.98 -10.81 -13.70
N ARG B 587 -23.85 -11.81 -13.57
CA ARG B 587 -23.47 -13.07 -12.99
C ARG B 587 -22.47 -13.82 -13.89
N ARG B 588 -22.47 -13.50 -15.18
CA ARG B 588 -21.60 -14.14 -16.15
C ARG B 588 -20.22 -13.44 -16.26
N VAL B 589 -20.21 -12.11 -16.40
CA VAL B 589 -18.99 -11.35 -16.73
C VAL B 589 -18.48 -10.40 -15.60
N GLY B 590 -19.10 -10.49 -14.41
CA GLY B 590 -18.94 -9.51 -13.32
C GLY B 590 -17.52 -9.45 -12.78
N MET B 591 -16.83 -10.59 -12.85
CA MET B 591 -15.45 -10.78 -12.41
C MET B 591 -14.43 -10.70 -13.53
N GLN B 592 -14.88 -10.42 -14.76
CA GLN B 592 -13.99 -10.52 -15.91
C GLN B 592 -13.52 -9.17 -16.37
N GLU B 593 -12.39 -9.13 -17.06
CA GLU B 593 -11.95 -7.88 -17.70
C GLU B 593 -12.89 -7.51 -18.87
N LEU B 594 -13.19 -6.22 -18.98
CA LEU B 594 -13.85 -5.70 -20.16
C LEU B 594 -12.71 -5.40 -21.08
N VAL B 595 -12.48 -6.29 -22.07
CA VAL B 595 -11.25 -6.27 -22.92
C VAL B 595 -11.32 -5.10 -23.88
N ARG B 596 -12.52 -4.85 -24.42
CA ARG B 596 -12.68 -3.96 -25.60
C ARG B 596 -13.96 -3.15 -25.54
N HIS B 597 -13.92 -1.94 -26.11
CA HIS B 597 -15.15 -1.20 -26.28
C HIS B 597 -15.07 -0.37 -27.52
N ASP B 598 -16.12 -0.49 -28.37
CA ASP B 598 -16.06 0.23 -29.68
C ASP B 598 -17.27 1.05 -30.04
N LEU B 599 -16.97 2.18 -30.70
CA LEU B 599 -17.96 2.91 -31.43
C LEU B 599 -18.12 2.16 -32.78
N VAL B 600 -19.15 1.33 -32.96
CA VAL B 600 -19.31 0.55 -34.24
C VAL B 600 -19.45 1.47 -35.48
N GLY B 601 -18.61 1.23 -36.49
CA GLY B 601 -18.55 2.06 -37.68
C GLY B 601 -18.09 3.48 -37.44
N GLY B 602 -17.63 3.75 -36.23
CA GLY B 602 -17.47 5.14 -35.80
C GLY B 602 -18.78 5.81 -35.35
N ASP B 603 -19.81 5.02 -35.08
CA ASP B 603 -21.09 5.57 -34.62
C ASP B 603 -21.23 5.64 -33.10
N PRO B 604 -21.23 6.88 -32.52
CA PRO B 604 -21.40 7.05 -31.05
C PRO B 604 -22.69 6.41 -30.49
N LEU B 605 -23.74 6.44 -31.31
CA LEU B 605 -25.06 5.98 -30.90
C LEU B 605 -25.20 4.50 -31.09
N VAL B 606 -24.13 3.85 -31.53
CA VAL B 606 -24.03 2.37 -31.55
C VAL B 606 -22.71 1.95 -30.88
N GLN B 607 -22.79 1.04 -29.90
CA GLN B 607 -21.61 0.75 -29.04
C GLN B 607 -21.54 -0.69 -28.67
N ARG B 608 -20.30 -1.19 -28.60
CA ARG B 608 -20.03 -2.59 -28.31
C ARG B 608 -18.90 -2.83 -27.25
N SER B 609 -19.20 -3.69 -26.29
CA SER B 609 -18.31 -4.08 -25.19
C SER B 609 -18.12 -5.56 -25.31
N VAL B 610 -16.86 -6.02 -25.25
CA VAL B 610 -16.54 -7.46 -25.20
C VAL B 610 -15.82 -7.78 -23.90
N PHE B 611 -16.30 -8.79 -23.18
CA PHE B 611 -15.69 -9.25 -21.96
C PHE B 611 -14.68 -10.34 -22.22
N ALA B 612 -14.00 -10.75 -21.14
CA ALA B 612 -12.80 -11.62 -21.28
C ALA B 612 -13.16 -12.95 -21.95
N ASP B 613 -14.32 -13.52 -21.59
CA ASP B 613 -14.75 -14.83 -22.13
C ASP B 613 -15.45 -14.76 -23.52
N GLY B 614 -15.20 -13.70 -24.29
CA GLY B 614 -15.86 -13.51 -25.57
C GLY B 614 -17.31 -13.03 -25.60
N THR B 615 -18.06 -13.12 -24.48
CA THR B 615 -19.38 -12.45 -24.41
C THR B 615 -19.29 -10.97 -24.95
N ALA B 616 -20.20 -10.58 -25.82
CA ALA B 616 -20.21 -9.26 -26.45
C ALA B 616 -21.60 -8.66 -26.30
N VAL B 617 -21.65 -7.35 -26.12
CA VAL B 617 -22.87 -6.63 -25.78
C VAL B 617 -22.89 -5.46 -26.70
N THR B 618 -23.97 -5.35 -27.50
CA THR B 618 -24.15 -4.24 -28.47
C THR B 618 -25.41 -3.47 -28.12
N CYS B 619 -25.32 -2.14 -28.20
CA CYS B 619 -26.37 -1.25 -27.78
C CYS B 619 -26.61 -0.18 -28.82
N ASP B 620 -27.84 -0.20 -29.36
CA ASP B 620 -28.32 0.78 -30.32
C ASP B 620 -29.06 1.90 -29.59
N PHE B 621 -28.52 3.11 -29.72
CA PHE B 621 -29.11 4.28 -29.08
C PHE B 621 -30.18 4.99 -29.94
N HIS B 622 -30.02 4.94 -31.27
CA HIS B 622 -31.12 5.23 -32.22
C HIS B 622 -32.34 4.39 -31.82
N ALA B 623 -32.24 3.07 -32.01
CA ALA B 623 -33.36 2.14 -31.75
C ALA B 623 -33.70 1.95 -30.29
N GLN B 624 -32.87 2.46 -29.37
CA GLN B 624 -32.95 2.17 -27.92
C GLN B 624 -33.04 0.67 -27.62
N THR B 625 -32.18 -0.10 -28.27
CA THR B 625 -32.15 -1.52 -28.00
C THR B 625 -30.72 -2.11 -27.84
N TYR B 626 -30.72 -3.34 -27.32
CA TYR B 626 -29.53 -4.08 -27.02
C TYR B 626 -29.58 -5.53 -27.50
N GLU B 627 -28.40 -6.07 -27.75
CA GLU B 627 -28.22 -7.50 -27.93
C GLU B 627 -27.00 -7.95 -27.14
N VAL B 628 -27.16 -9.09 -26.46
CA VAL B 628 -26.15 -9.73 -25.63
C VAL B 628 -25.77 -11.13 -26.16
N ALA B 629 -24.56 -11.23 -26.74
CA ALA B 629 -24.15 -12.41 -27.51
C ALA B 629 -23.13 -13.36 -26.83
N ALA B 630 -23.62 -14.46 -26.24
CA ALA B 630 -22.76 -15.53 -25.66
C ALA B 630 -21.82 -16.15 -26.72
ZN ZN C . 17.61 10.42 -3.33
O5 A2G D . 24.46 -8.63 -0.13
C1 A2G D . 23.90 -9.73 0.61
O1 A2G D . 24.18 -9.59 2.00
C2 A2G D . 24.59 -11.03 0.12
N2 A2G D . 23.99 -12.18 0.82
C3 A2G D . 26.15 -10.94 0.20
O3 A2G D . 26.74 -12.10 -0.41
C4 A2G D . 26.68 -9.70 -0.53
O4 A2G D . 26.43 -9.83 -1.92
C5 A2G D . 25.90 -8.45 -0.07
C6 A2G D . 26.28 -7.21 -0.90
O6 A2G D . 25.57 -6.09 -0.25
C7 A2G D . 23.21 -13.08 0.17
O7 A2G D . 22.98 -13.00 -1.02
C8 A2G D . 22.66 -14.25 0.92
CA CA E . 22.75 -15.26 -4.39
ZN ZN F . -5.65 16.12 11.86
O5 A2G G . -22.77 12.34 1.00
C1 A2G G . -23.03 11.74 -0.28
O1 A2G G . -22.88 12.69 -1.32
C2 A2G G . -24.46 11.22 -0.27
N2 A2G G . -24.75 10.43 -1.48
C3 A2G G . -25.46 12.40 0.02
O3 A2G G . -26.77 11.80 0.17
C4 A2G G . -25.10 13.12 1.32
O4 A2G G . -25.41 12.20 2.38
C5 A2G G . -23.59 13.45 1.40
C6 A2G G . -23.16 13.78 2.82
O6 A2G G . -21.88 14.41 2.77
C7 A2G G . -24.96 9.12 -1.43
O7 A2G G . -24.91 8.50 -0.37
C8 A2G G . -25.19 8.47 -2.75
CA CA H . -27.17 5.46 1.11
#